data_3W0W
#
_entry.id   3W0W
#
_cell.length_a   50.921
_cell.length_b   86.441
_cell.length_c   251.772
_cell.angle_alpha   90.000
_cell.angle_beta   90.000
_cell.angle_gamma   90.000
#
_symmetry.space_group_name_H-M   'P 21 21 21'
#
loop_
_entity.id
_entity.type
_entity.pdbx_description
1 polymer 'HLA class I histocompatibility antigen, A-24 alpha chain'
2 polymer Beta-2-microglobulin
3 polymer '10-mer peptide from Protein Nef'
4 polymer 'T36-5 TCR alpha chain'
5 polymer 'T36-5 TCR beta chain'
6 water water
#
loop_
_entity_poly.entity_id
_entity_poly.type
_entity_poly.pdbx_seq_one_letter_code
_entity_poly.pdbx_strand_id
1 'polypeptide(L)'
;MGSHSMRYFSTSVSRPGRGEPRFIAVGYVDDTQFVRFDSDAASQRMEPRAPWIEQEGPEYWDEETGKVKAHSQTDRENLR
IALRYYNQSEAGSHTLQMMFGCDVGSDGRFLRGYHQYAYDGKDYIALKEDLRSWTAADMAAQITKRKWEAAHVAEQQRAY
LEGTCVDGLRRYLENGKETLQRTDPPKTHMTHHPISDHEATLRCWALGFYPAEITLTWQRDGEDQTQDTELVETRPAGDG
TFQKWAAVVVPSGEEQRYTCHVQHEGLPKPLTLRWGSLGGIFEAMKMELRD
;
A
2 'polypeptide(L)'
;MIQRTPKIQVYSRHPAENGKSNFLNCYVSGFHPSDIEVDLLKNGERIEKVEHSDLSFSKDWSFYLLYYTEFTPTEKDEYA
CRVNHVTLSQPKIVKWDRDM
;
B
3 'polypeptide(L)' RFPLTFGWCF C
4 'polypeptide(L)'
;MQKEVEQNSGPLSVPEGAIASLNCTYSDRGSQSFFWYRQYSGKSPELIMSIYSNGDKEDGRFTAQLNKASQYVSLLIRDS
QPSDSATYLWGTYNQGGKLIFGQGTELSVKPNIQNPDPAVYQLRDSKSSDKSVCLFTDFDSQTNVSQSKDSDVYITDKCV
LDMRSMDFKSNSAVAWSNKSDFACANAFNNSIIPEDTFFPSPESS
;
D
5 'polypeptide(L)'
;MEAQVTQNPRYLITVTGKKLTVTCSQNMNHEYMSWYRQDPGLGLRQIYYSMNVEVTDKGDVPEGYKVSRKEKRNFPLILE
SPSPNQTSLYFCASSGASHEQYFGPGTRLTVTEDLKNVFPPEVAVFEPSEAEISHTQKATLVCLATGFYPDHVELSWWVN
GKEVHSGVCTDPQPLKEQPALNDSRYALSSRLRVSATFWQNPRNHFRCQVQFYGLSENDEWTQDRAKPVTQIVSAEAWGR
AD
;
E
#
# COMPACT_ATOMS: atom_id res chain seq x y z
N GLY A 2 -22.29 -25.94 -4.87
CA GLY A 2 -22.86 -24.80 -5.65
C GLY A 2 -21.92 -23.61 -5.68
N SER A 3 -22.32 -22.57 -6.42
CA SER A 3 -21.47 -21.41 -6.57
C SER A 3 -21.63 -20.45 -5.37
N HIS A 4 -20.63 -19.60 -5.13
CA HIS A 4 -20.63 -18.68 -4.00
C HIS A 4 -20.21 -17.30 -4.39
N SER A 5 -20.51 -16.34 -3.53
CA SER A 5 -20.13 -14.96 -3.77
C SER A 5 -19.58 -14.28 -2.52
N MET A 6 -18.83 -13.19 -2.73
CA MET A 6 -18.53 -12.27 -1.66
C MET A 6 -18.80 -10.88 -2.17
N ARG A 7 -19.43 -10.04 -1.34
CA ARG A 7 -19.77 -8.68 -1.75
C ARG A 7 -19.53 -7.77 -0.58
N TYR A 8 -19.07 -6.55 -0.83
CA TYR A 8 -19.12 -5.47 0.15
C TYR A 8 -20.03 -4.40 -0.44
N PHE A 9 -20.99 -3.93 0.36
CA PHE A 9 -21.90 -2.88 -0.08
C PHE A 9 -21.63 -1.62 0.74
N SER A 10 -21.18 -0.56 0.09
CA SER A 10 -20.78 0.67 0.80
C SER A 10 -21.67 1.84 0.44
N THR A 11 -22.09 2.59 1.46
CA THR A 11 -23.03 3.69 1.30
C THR A 11 -22.54 4.95 2.00
N SER A 12 -22.38 6.02 1.25
CA SER A 12 -22.07 7.32 1.81
C SER A 12 -23.28 8.22 1.63
N VAL A 13 -23.64 8.89 2.72
CA VAL A 13 -24.78 9.77 2.72
C VAL A 13 -24.37 11.09 3.34
N SER A 14 -24.40 12.15 2.54
CA SER A 14 -24.10 13.48 3.08
C SER A 14 -25.30 14.00 3.90
N ARG A 15 -25.00 14.81 4.91
CA ARG A 15 -26.01 15.41 5.77
C ARG A 15 -25.57 16.86 6.10
N PRO A 16 -25.65 17.75 5.11
CA PRO A 16 -25.02 19.07 5.25
C PRO A 16 -25.63 19.88 6.39
N GLY A 17 -24.76 20.53 7.16
CA GLY A 17 -25.17 21.24 8.37
C GLY A 17 -25.10 20.36 9.61
N ARG A 18 -24.99 19.04 9.40
CA ARG A 18 -25.01 18.04 10.47
C ARG A 18 -23.79 17.14 10.39
N GLY A 19 -22.65 17.74 10.10
CA GLY A 19 -21.39 16.99 10.10
C GLY A 19 -21.03 16.30 8.79
N GLU A 20 -19.85 15.68 8.81
CA GLU A 20 -19.37 14.76 7.78
C GLU A 20 -20.40 13.73 7.33
N PRO A 21 -20.34 13.33 6.05
CA PRO A 21 -21.18 12.25 5.57
C PRO A 21 -21.06 10.97 6.39
N ARG A 22 -22.20 10.32 6.60
CA ARG A 22 -22.30 9.02 7.22
C ARG A 22 -21.83 7.92 6.24
N PHE A 23 -20.93 7.05 6.71
CA PHE A 23 -20.42 5.97 5.87
C PHE A 23 -20.72 4.62 6.52
N ILE A 24 -21.33 3.71 5.75
CA ILE A 24 -21.61 2.36 6.21
C ILE A 24 -21.13 1.35 5.15
N ALA A 25 -20.30 0.38 5.54
CA ALA A 25 -19.95 -0.72 4.65
C ALA A 25 -20.27 -2.03 5.29
N VAL A 26 -20.77 -2.97 4.49
CA VAL A 26 -21.03 -4.31 4.98
C VAL A 26 -20.43 -5.34 4.04
N GLY A 27 -19.91 -6.42 4.62
CA GLY A 27 -19.48 -7.57 3.84
C GLY A 27 -20.45 -8.73 3.98
N TYR A 28 -20.59 -9.48 2.88
CA TYR A 28 -21.43 -10.66 2.82
C TYR A 28 -20.70 -11.78 2.14
N VAL A 29 -20.90 -13.00 2.65
CA VAL A 29 -20.55 -14.18 1.90
C VAL A 29 -21.90 -14.82 1.62
N ASP A 30 -22.23 -15.01 0.33
CA ASP A 30 -23.57 -15.40 -0.09
C ASP A 30 -24.63 -14.45 0.55
N ASP A 31 -25.62 -15.01 1.24
CA ASP A 31 -26.63 -14.22 1.94
C ASP A 31 -26.32 -14.01 3.45
N THR A 32 -25.06 -14.06 3.83
CA THR A 32 -24.70 -14.02 5.24
C THR A 32 -23.69 -12.91 5.50
N GLN A 33 -24.09 -11.95 6.33
CA GLN A 33 -23.26 -10.82 6.66
C GLN A 33 -22.15 -11.30 7.59
N PHE A 34 -20.96 -10.77 7.43
CA PHE A 34 -19.90 -11.18 8.31
C PHE A 34 -19.10 -10.02 8.91
N VAL A 35 -19.17 -8.84 8.29
CA VAL A 35 -18.50 -7.64 8.83
C VAL A 35 -19.35 -6.39 8.59
N ARG A 36 -19.15 -5.38 9.41
CA ARG A 36 -19.73 -4.05 9.15
C ARG A 36 -18.73 -2.98 9.51
N PHE A 37 -18.90 -1.79 8.96
CA PHE A 37 -18.23 -0.61 9.50
C PHE A 37 -19.19 0.55 9.44
N ASP A 38 -19.21 1.35 10.52
CA ASP A 38 -20.14 2.46 10.64
C ASP A 38 -19.41 3.68 11.16
N SER A 39 -19.26 4.71 10.34
CA SER A 39 -18.55 5.93 10.73
C SER A 39 -19.12 6.58 12.01
N ASP A 40 -20.41 6.40 12.27
CA ASP A 40 -21.07 6.95 13.50
C ASP A 40 -20.85 6.08 14.74
N ALA A 41 -20.59 4.78 14.56
CA ALA A 41 -20.32 3.84 15.69
C ALA A 41 -19.10 4.24 16.51
N ALA A 42 -19.06 3.77 17.76
CA ALA A 42 -18.04 4.24 18.72
C ALA A 42 -16.68 3.59 18.50
N SER A 43 -16.68 2.29 18.21
CA SER A 43 -15.43 1.52 18.12
C SER A 43 -14.47 2.10 17.08
N GLN A 44 -15.01 2.56 15.94
CA GLN A 44 -14.24 3.15 14.86
C GLN A 44 -13.41 2.01 14.22
N ARG A 45 -13.93 0.79 14.35
CA ARG A 45 -13.30 -0.42 13.84
C ARG A 45 -14.18 -1.16 12.81
N MET A 46 -13.58 -1.95 11.93
CA MET A 46 -14.33 -3.00 11.21
C MET A 46 -14.73 -4.02 12.29
N GLU A 47 -15.96 -4.50 12.25
CA GLU A 47 -16.45 -5.36 13.31
C GLU A 47 -17.00 -6.69 12.79
N PRO A 48 -16.79 -7.80 13.54
CA PRO A 48 -17.38 -9.11 13.21
C PRO A 48 -18.92 -9.11 13.26
N ARG A 49 -19.56 -9.85 12.36
CA ARG A 49 -21.02 -9.96 12.36
C ARG A 49 -21.49 -11.41 12.14
N ALA A 50 -20.52 -12.33 12.05
CA ALA A 50 -20.79 -13.76 11.93
C ALA A 50 -19.74 -14.46 12.76
N PRO A 51 -20.13 -15.57 13.43
CA PRO A 51 -19.24 -16.30 14.36
C PRO A 51 -17.92 -16.70 13.74
N TRP A 52 -17.94 -17.13 12.48
CA TRP A 52 -16.73 -17.68 11.86
C TRP A 52 -15.63 -16.70 11.47
N ILE A 53 -15.95 -15.42 11.42
CA ILE A 53 -14.92 -14.41 11.17
C ILE A 53 -14.15 -14.07 12.45
N GLU A 54 -14.63 -14.55 13.59
CA GLU A 54 -14.00 -14.22 14.86
C GLU A 54 -12.65 -14.88 15.09
N GLN A 55 -12.40 -16.00 14.42
CA GLN A 55 -11.13 -16.71 14.57
C GLN A 55 -9.97 -15.96 13.89
N GLU A 56 -10.31 -14.86 13.21
CA GLU A 56 -9.32 -14.00 12.57
C GLU A 56 -8.52 -13.27 13.63
N GLY A 57 -7.20 -13.34 13.52
CA GLY A 57 -6.32 -12.68 14.47
C GLY A 57 -6.43 -11.18 14.47
N PRO A 58 -5.73 -10.52 15.40
CA PRO A 58 -5.85 -9.07 15.56
C PRO A 58 -5.25 -8.30 14.41
N GLU A 59 -4.42 -8.95 13.61
CA GLU A 59 -3.80 -8.28 12.51
C GLU A 59 -4.84 -8.08 11.40
N TYR A 60 -5.71 -9.05 11.25
CA TYR A 60 -6.77 -8.96 10.27
C TYR A 60 -7.65 -7.74 10.55
N TRP A 61 -8.00 -7.50 11.81
CA TRP A 61 -8.91 -6.43 12.17
C TRP A 61 -8.33 -5.07 11.98
N ASP A 62 -7.02 -4.96 12.15
CA ASP A 62 -6.31 -3.72 11.94
C ASP A 62 -6.33 -3.40 10.46
N GLU A 63 -6.14 -4.43 9.64
CA GLU A 63 -5.88 -4.27 8.21
C GLU A 63 -7.14 -3.83 7.49
N GLU A 64 -8.18 -4.63 7.71
CA GLU A 64 -9.54 -4.31 7.34
C GLU A 64 -10.03 -2.95 7.87
N THR A 65 -9.76 -2.65 9.14
CA THR A 65 -10.10 -1.35 9.71
C THR A 65 -9.47 -0.20 8.92
N GLY A 66 -8.18 -0.31 8.59
CA GLY A 66 -7.50 0.81 7.96
C GLY A 66 -7.99 1.00 6.54
N LYS A 67 -8.21 -0.12 5.85
CA LYS A 67 -8.64 -0.06 4.46
C LYS A 67 -10.03 0.58 4.32
N VAL A 68 -10.96 0.20 5.18
CA VAL A 68 -12.34 0.65 5.04
C VAL A 68 -12.48 2.09 5.53
N LYS A 69 -11.68 2.48 6.52
CA LYS A 69 -11.63 3.87 6.96
C LYS A 69 -11.17 4.75 5.79
N ALA A 70 -10.09 4.32 5.14
CA ALA A 70 -9.52 5.05 4.03
C ALA A 70 -10.55 5.18 2.95
N HIS A 71 -11.28 4.08 2.72
CA HIS A 71 -12.31 4.13 1.70
C HIS A 71 -13.43 5.10 2.04
N SER A 72 -13.87 5.10 3.30
CA SER A 72 -14.84 6.11 3.72
C SER A 72 -14.35 7.49 3.34
N GLN A 73 -13.07 7.76 3.53
CA GLN A 73 -12.56 9.09 3.20
C GLN A 73 -12.52 9.33 1.69
N THR A 74 -12.17 8.30 0.93
CA THR A 74 -12.18 8.39 -0.52
C THR A 74 -13.59 8.67 -1.06
N ASP A 75 -14.58 7.92 -0.58
CA ASP A 75 -15.95 8.18 -1.04
C ASP A 75 -16.47 9.53 -0.52
N ARG A 76 -16.04 9.93 0.67
CA ARG A 76 -16.34 11.26 1.17
C ARG A 76 -15.86 12.27 0.13
N GLU A 77 -14.66 12.05 -0.39
CA GLU A 77 -14.09 12.94 -1.37
C GLU A 77 -14.87 12.86 -2.69
N ASN A 78 -15.19 11.63 -3.09
CA ASN A 78 -15.94 11.46 -4.32
C ASN A 78 -17.28 12.20 -4.29
N LEU A 79 -17.92 12.24 -3.12
CA LEU A 79 -19.14 13.01 -2.96
C LEU A 79 -18.92 14.48 -3.23
N ARG A 80 -17.81 15.03 -2.74
CA ARG A 80 -17.49 16.43 -3.00
C ARG A 80 -17.29 16.64 -4.51
N ILE A 81 -16.65 15.68 -5.15
CA ILE A 81 -16.30 15.87 -6.56
C ILE A 81 -17.57 15.82 -7.44
N ALA A 82 -18.44 14.89 -7.10
CA ALA A 82 -19.74 14.76 -7.73
C ALA A 82 -20.56 16.08 -7.65
N LEU A 83 -20.61 16.71 -6.47
CA LEU A 83 -21.24 18.02 -6.32
C LEU A 83 -20.75 19.01 -7.36
N ARG A 84 -19.42 19.13 -7.48
CA ARG A 84 -18.80 20.04 -8.44
C ARG A 84 -19.18 19.72 -9.88
N TYR A 85 -19.08 18.44 -10.27
CA TYR A 85 -19.42 18.03 -11.63
C TYR A 85 -20.85 18.37 -11.99
N TYR A 86 -21.78 18.21 -11.03
CA TYR A 86 -23.18 18.36 -11.33
C TYR A 86 -23.69 19.71 -10.90
N ASN A 87 -22.75 20.58 -10.51
CA ASN A 87 -23.06 21.91 -9.97
C ASN A 87 -24.25 21.86 -9.03
N GLN A 88 -24.22 20.90 -8.13
CA GLN A 88 -25.26 20.77 -7.12
C GLN A 88 -24.89 21.56 -5.88
N SER A 89 -25.89 21.87 -5.08
CA SER A 89 -25.73 22.78 -3.95
C SER A 89 -25.11 22.10 -2.71
N GLU A 90 -24.43 22.87 -1.86
CA GLU A 90 -23.84 22.29 -0.66
C GLU A 90 -24.84 21.96 0.42
N ALA A 91 -26.04 22.52 0.31
CA ALA A 91 -27.08 22.30 1.31
C ALA A 91 -28.05 21.14 1.00
N GLY A 92 -27.82 20.42 -0.10
CA GLY A 92 -28.65 19.26 -0.45
C GLY A 92 -27.94 17.96 -0.07
N SER A 93 -28.72 16.97 0.30
CA SER A 93 -28.21 15.68 0.75
C SER A 93 -28.07 14.67 -0.42
N HIS A 94 -26.97 13.94 -0.49
CA HIS A 94 -26.71 13.01 -1.61
C HIS A 94 -26.20 11.66 -1.17
N THR A 95 -26.26 10.66 -2.04
CA THR A 95 -25.87 9.29 -1.74
C THR A 95 -24.84 8.77 -2.75
N LEU A 96 -23.83 8.04 -2.25
CA LEU A 96 -22.90 7.34 -3.11
C LEU A 96 -22.77 5.90 -2.63
N GLN A 97 -23.11 4.97 -3.51
CA GLN A 97 -22.99 3.54 -3.20
C GLN A 97 -21.91 2.88 -4.03
N MET A 98 -21.11 2.04 -3.41
CA MET A 98 -20.19 1.18 -4.15
C MET A 98 -20.48 -0.27 -3.85
N MET A 99 -20.31 -1.12 -4.85
CA MET A 99 -20.49 -2.54 -4.68
C MET A 99 -19.36 -3.20 -5.45
N PHE A 100 -18.74 -4.19 -4.81
CA PHE A 100 -17.76 -5.03 -5.49
C PHE A 100 -17.72 -6.40 -4.83
N GLY A 101 -17.03 -7.33 -5.49
CA GLY A 101 -16.94 -8.70 -5.04
C GLY A 101 -16.77 -9.69 -6.18
N CYS A 102 -16.70 -10.96 -5.81
CA CYS A 102 -16.38 -12.00 -6.75
C CYS A 102 -17.35 -13.16 -6.55
N ASP A 103 -17.60 -13.87 -7.65
CA ASP A 103 -18.33 -15.11 -7.66
C ASP A 103 -17.36 -16.24 -7.99
N VAL A 104 -17.51 -17.38 -7.31
CA VAL A 104 -16.79 -18.59 -7.70
C VAL A 104 -17.81 -19.68 -7.96
N GLY A 105 -17.51 -20.59 -8.89
CA GLY A 105 -18.39 -21.73 -9.22
C GLY A 105 -18.23 -22.90 -8.27
N SER A 106 -18.91 -24.01 -8.57
CA SER A 106 -18.91 -25.21 -7.69
C SER A 106 -17.50 -25.72 -7.34
N ASP A 107 -16.57 -25.61 -8.29
CA ASP A 107 -15.14 -25.91 -8.11
C ASP A 107 -14.34 -24.91 -7.25
N GLY A 108 -14.81 -23.67 -7.15
CA GLY A 108 -14.11 -22.64 -6.41
C GLY A 108 -13.19 -21.79 -7.28
N ARG A 109 -13.35 -21.91 -8.59
CA ARG A 109 -12.59 -21.10 -9.53
C ARG A 109 -13.33 -19.80 -9.75
N PHE A 110 -12.58 -18.77 -10.12
CA PHE A 110 -13.18 -17.47 -10.42
C PHE A 110 -14.22 -17.56 -11.53
N LEU A 111 -15.28 -16.76 -11.42
CA LEU A 111 -16.39 -16.81 -12.38
C LEU A 111 -16.74 -15.42 -12.84
N ARG A 112 -16.92 -14.51 -11.88
CA ARG A 112 -17.37 -13.15 -12.17
C ARG A 112 -16.83 -12.18 -11.13
N GLY A 113 -16.54 -10.95 -11.57
CA GLY A 113 -16.07 -9.91 -10.68
C GLY A 113 -16.87 -8.63 -10.90
N TYR A 114 -17.00 -7.82 -9.85
CA TYR A 114 -17.77 -6.60 -9.94
C TYR A 114 -17.11 -5.46 -9.22
N HIS A 115 -17.20 -4.28 -9.81
CA HIS A 115 -16.74 -3.05 -9.16
C HIS A 115 -17.49 -1.84 -9.68
N GLN A 116 -18.50 -1.40 -8.91
CA GLN A 116 -19.55 -0.47 -9.38
C GLN A 116 -19.86 0.69 -8.44
N TYR A 117 -20.32 1.78 -9.03
CA TYR A 117 -20.76 2.93 -8.25
C TYR A 117 -22.08 3.42 -8.79
N ALA A 118 -22.95 3.88 -7.88
CA ALA A 118 -24.15 4.65 -8.25
C ALA A 118 -24.20 5.91 -7.40
N TYR A 119 -24.58 7.01 -8.03
CA TYR A 119 -24.67 8.28 -7.35
C TYR A 119 -26.12 8.68 -7.37
N ASP A 120 -26.66 8.95 -6.19
CA ASP A 120 -28.09 9.22 -6.01
C ASP A 120 -28.95 8.10 -6.61
N GLY A 121 -28.41 6.87 -6.57
CA GLY A 121 -29.15 5.66 -6.95
C GLY A 121 -29.20 5.38 -8.45
N LYS A 122 -28.36 6.09 -9.20
CA LYS A 122 -28.21 5.87 -10.63
C LYS A 122 -26.74 5.48 -10.95
N ASP A 123 -26.55 4.37 -11.66
CA ASP A 123 -25.25 3.98 -12.19
C ASP A 123 -24.42 5.19 -12.57
N TYR A 124 -23.20 5.29 -12.02
CA TYR A 124 -22.29 6.37 -12.33
C TYR A 124 -21.21 5.75 -13.21
N ILE A 125 -20.50 4.77 -12.66
CA ILE A 125 -19.41 4.09 -13.38
C ILE A 125 -19.34 2.64 -12.93
N ALA A 126 -19.00 1.76 -13.87
CA ALA A 126 -18.88 0.35 -13.52
C ALA A 126 -17.82 -0.32 -14.37
N LEU A 127 -17.08 -1.25 -13.75
CA LEU A 127 -16.21 -2.17 -14.46
C LEU A 127 -17.04 -3.14 -15.30
N LYS A 128 -16.71 -3.29 -16.59
CA LYS A 128 -17.46 -4.25 -17.45
C LYS A 128 -17.22 -5.68 -16.97
N GLU A 129 -18.01 -6.62 -17.47
CA GLU A 129 -17.89 -7.99 -17.03
C GLU A 129 -16.54 -8.58 -17.40
N ASP A 130 -15.95 -8.13 -18.50
CA ASP A 130 -14.65 -8.64 -18.93
C ASP A 130 -13.47 -8.10 -18.08
N LEU A 131 -13.78 -7.27 -17.08
CA LEU A 131 -12.79 -6.67 -16.18
C LEU A 131 -11.70 -5.80 -16.86
N ARG A 132 -11.89 -5.46 -18.12
CA ARG A 132 -10.87 -4.80 -18.90
C ARG A 132 -11.13 -3.32 -19.10
N SER A 133 -12.38 -2.89 -18.97
CA SER A 133 -12.71 -1.47 -19.18
C SER A 133 -13.95 -1.03 -18.39
N TRP A 134 -14.24 0.27 -18.44
CA TRP A 134 -15.27 0.88 -17.64
C TRP A 134 -16.37 1.32 -18.51
N THR A 135 -17.58 1.21 -17.98
CA THR A 135 -18.75 1.76 -18.62
C THR A 135 -19.16 3.01 -17.79
N ALA A 136 -19.07 4.19 -18.41
CA ALA A 136 -19.40 5.47 -17.76
C ALA A 136 -20.79 5.93 -18.18
N ALA A 137 -21.61 6.34 -17.23
CA ALA A 137 -23.01 6.63 -17.52
C ALA A 137 -23.19 7.93 -18.28
N ASP A 138 -22.31 8.90 -18.03
CA ASP A 138 -22.50 10.26 -18.51
C ASP A 138 -21.20 11.02 -18.60
N MET A 139 -21.27 12.30 -18.93
CA MET A 139 -20.09 13.10 -19.17
C MET A 139 -19.18 13.11 -17.95
N ALA A 140 -19.77 13.26 -16.78
CA ALA A 140 -19.05 13.31 -15.52
C ALA A 140 -18.27 12.01 -15.31
N ALA A 141 -18.96 10.90 -15.48
CA ALA A 141 -18.35 9.61 -15.23
C ALA A 141 -17.22 9.36 -16.22
N GLN A 142 -17.22 10.12 -17.31
CA GLN A 142 -16.23 9.94 -18.35
C GLN A 142 -14.91 10.55 -17.94
N ILE A 143 -14.98 11.66 -17.20
CA ILE A 143 -13.77 12.25 -16.66
C ILE A 143 -13.15 11.26 -15.69
N THR A 144 -14.00 10.61 -14.91
CA THR A 144 -13.56 9.65 -13.94
C THR A 144 -12.92 8.48 -14.66
N LYS A 145 -13.53 8.07 -15.76
CA LYS A 145 -13.00 6.98 -16.56
C LYS A 145 -11.60 7.31 -17.10
N ARG A 146 -11.42 8.50 -17.66
CA ARG A 146 -10.10 8.89 -18.17
C ARG A 146 -9.04 8.82 -17.07
N LYS A 147 -9.39 9.25 -15.87
CA LYS A 147 -8.44 9.19 -14.76
C LYS A 147 -8.06 7.75 -14.43
N TRP A 148 -9.07 6.90 -14.26
CA TRP A 148 -8.84 5.53 -13.88
C TRP A 148 -8.14 4.70 -14.96
N GLU A 149 -8.32 5.09 -16.23
CA GLU A 149 -7.59 4.45 -17.32
C GLU A 149 -6.10 4.82 -17.24
N ALA A 150 -5.83 6.09 -16.91
CA ALA A 150 -4.45 6.57 -16.75
C ALA A 150 -3.74 5.92 -15.55
N ALA A 151 -4.49 5.52 -14.53
CA ALA A 151 -3.85 4.91 -13.34
C ALA A 151 -3.98 3.39 -13.32
N HIS A 152 -4.50 2.82 -14.41
CA HIS A 152 -4.68 1.37 -14.56
C HIS A 152 -5.51 0.73 -13.49
N VAL A 153 -6.52 1.45 -13.01
CA VAL A 153 -7.33 0.93 -11.93
C VAL A 153 -7.98 -0.38 -12.38
N ALA A 154 -8.37 -0.44 -13.65
CA ALA A 154 -9.01 -1.64 -14.19
C ALA A 154 -8.10 -2.86 -14.03
N GLU A 155 -6.82 -2.71 -14.37
CA GLU A 155 -5.88 -3.82 -14.21
C GLU A 155 -5.66 -4.18 -12.74
N GLN A 156 -5.54 -3.17 -11.89
CA GLN A 156 -5.36 -3.37 -10.46
C GLN A 156 -6.57 -4.09 -9.85
N GLN A 157 -7.76 -3.58 -10.10
CA GLN A 157 -8.93 -4.18 -9.50
C GLN A 157 -9.22 -5.59 -10.02
N ARG A 158 -8.94 -5.80 -11.30
CA ARG A 158 -8.96 -7.16 -11.85
C ARG A 158 -8.02 -8.12 -11.08
N ALA A 159 -6.78 -7.70 -10.87
CA ALA A 159 -5.83 -8.50 -10.08
C ALA A 159 -6.43 -8.83 -8.72
N TYR A 160 -6.97 -7.82 -8.04
CA TYR A 160 -7.70 -8.03 -6.79
C TYR A 160 -8.88 -9.00 -6.90
N LEU A 161 -9.79 -8.77 -7.84
CA LEU A 161 -11.00 -9.61 -7.98
C LEU A 161 -10.74 -11.09 -8.31
N GLU A 162 -9.70 -11.36 -9.08
CA GLU A 162 -9.38 -12.72 -9.48
C GLU A 162 -8.49 -13.39 -8.45
N GLY A 163 -7.81 -12.58 -7.63
CA GLY A 163 -6.80 -13.06 -6.69
C GLY A 163 -7.30 -13.07 -5.28
N THR A 164 -7.03 -11.95 -4.60
CA THR A 164 -7.36 -11.72 -3.20
C THR A 164 -8.83 -11.98 -2.86
N CYS A 165 -9.70 -11.43 -3.67
CA CYS A 165 -11.13 -11.61 -3.45
C CYS A 165 -11.48 -13.09 -3.47
N VAL A 166 -11.02 -13.80 -4.52
CA VAL A 166 -11.26 -15.24 -4.67
C VAL A 166 -10.60 -16.03 -3.52
N ASP A 167 -9.37 -15.66 -3.16
CA ASP A 167 -8.63 -16.31 -2.04
C ASP A 167 -9.34 -16.05 -0.72
N GLY A 168 -9.88 -14.84 -0.59
CA GLY A 168 -10.60 -14.46 0.61
C GLY A 168 -11.82 -15.34 0.80
N LEU A 169 -12.55 -15.50 -0.29
CA LEU A 169 -13.78 -16.24 -0.30
C LEU A 169 -13.60 -17.73 0.04
N ARG A 170 -12.57 -18.37 -0.53
CA ARG A 170 -12.20 -19.74 -0.20
C ARG A 170 -11.93 -19.91 1.30
N ARG A 171 -11.10 -19.03 1.85
CA ARG A 171 -10.77 -19.07 3.25
C ARG A 171 -12.05 -18.93 4.11
N TYR A 172 -12.90 -17.94 3.80
CA TYR A 172 -14.13 -17.76 4.56
C TYR A 172 -15.05 -18.97 4.48
N LEU A 173 -15.20 -19.51 3.27
CA LEU A 173 -16.07 -20.69 3.06
C LEU A 173 -15.60 -21.89 3.89
N GLU A 174 -14.30 -22.13 3.85
CA GLU A 174 -13.71 -23.23 4.62
C GLU A 174 -13.88 -23.02 6.12
N ASN A 175 -13.64 -21.79 6.58
CA ASN A 175 -13.77 -21.47 8.01
C ASN A 175 -15.21 -21.49 8.54
N GLY A 176 -16.18 -21.11 7.71
CA GLY A 176 -17.58 -21.17 8.10
C GLY A 176 -18.30 -22.38 7.53
N LYS A 177 -17.52 -23.43 7.22
CA LYS A 177 -18.00 -24.66 6.59
C LYS A 177 -19.38 -25.10 7.09
N GLU A 178 -19.52 -25.26 8.40
CA GLU A 178 -20.73 -25.79 9.01
C GLU A 178 -22.02 -25.02 8.72
N THR A 179 -21.90 -23.73 8.39
CA THR A 179 -23.11 -22.96 8.09
C THR A 179 -23.20 -22.48 6.65
N LEU A 180 -22.06 -22.12 6.05
CA LEU A 180 -22.07 -21.55 4.71
C LEU A 180 -22.31 -22.60 3.62
N GLN A 181 -21.89 -23.84 3.88
CA GLN A 181 -22.09 -24.94 2.92
C GLN A 181 -23.43 -25.63 3.15
N ARG A 182 -24.10 -25.32 4.25
CA ARG A 182 -25.43 -25.88 4.55
C ARG A 182 -26.44 -25.42 3.51
N THR A 183 -27.37 -26.27 3.15
CA THR A 183 -28.55 -25.76 2.45
C THR A 183 -29.79 -26.25 3.19
N ASP A 184 -30.48 -25.32 3.85
CA ASP A 184 -31.74 -25.61 4.51
C ASP A 184 -32.85 -25.59 3.46
N PRO A 185 -33.53 -26.74 3.27
CA PRO A 185 -34.65 -26.75 2.33
C PRO A 185 -35.85 -25.98 2.91
N PRO A 186 -36.64 -25.33 2.03
CA PRO A 186 -37.88 -24.66 2.39
C PRO A 186 -38.94 -25.60 2.95
N LYS A 187 -39.51 -25.22 4.09
CA LYS A 187 -40.66 -25.84 4.71
C LYS A 187 -41.93 -25.20 4.15
N THR A 188 -42.87 -26.01 3.68
CA THR A 188 -43.99 -25.48 2.92
C THR A 188 -45.36 -25.78 3.54
N HIS A 189 -46.37 -25.01 3.13
CA HIS A 189 -47.80 -25.22 3.44
C HIS A 189 -48.67 -24.23 2.68
N MET A 190 -49.97 -24.47 2.67
CA MET A 190 -50.90 -23.60 1.95
C MET A 190 -51.99 -23.00 2.86
N THR A 191 -52.37 -21.77 2.58
CA THR A 191 -53.47 -21.12 3.31
C THR A 191 -54.57 -20.66 2.37
N HIS A 192 -55.81 -20.69 2.85
CA HIS A 192 -56.98 -20.37 2.04
C HIS A 192 -57.72 -19.14 2.54
N HIS A 193 -57.91 -18.17 1.65
CA HIS A 193 -58.61 -16.94 1.97
C HIS A 193 -59.85 -16.80 1.15
N PRO A 194 -60.99 -16.56 1.82
CA PRO A 194 -62.27 -16.44 1.12
C PRO A 194 -62.44 -15.14 0.30
N ILE A 195 -62.16 -13.98 0.89
CA ILE A 195 -62.38 -12.69 0.19
C ILE A 195 -63.83 -12.47 -0.25
N SER A 196 -64.33 -13.34 -1.11
CA SER A 196 -65.70 -13.33 -1.60
C SER A 196 -66.17 -14.78 -1.73
N ASP A 197 -67.47 -15.02 -1.77
CA ASP A 197 -67.92 -16.41 -1.93
C ASP A 197 -67.50 -17.02 -3.27
N HIS A 198 -67.59 -16.25 -4.36
CA HIS A 198 -67.12 -16.73 -5.67
C HIS A 198 -65.62 -16.89 -5.81
N GLU A 199 -64.86 -15.96 -5.24
CA GLU A 199 -63.41 -15.93 -5.39
C GLU A 199 -62.68 -16.01 -4.06
N ALA A 200 -61.72 -16.94 -3.95
CA ALA A 200 -60.93 -17.16 -2.74
C ALA A 200 -59.44 -17.03 -3.05
N THR A 201 -58.65 -16.65 -2.03
CA THR A 201 -57.18 -16.53 -2.17
C THR A 201 -56.46 -17.76 -1.61
N LEU A 202 -55.61 -18.36 -2.45
CA LEU A 202 -54.67 -19.41 -2.02
C LEU A 202 -53.28 -18.81 -1.88
N ARG A 203 -52.70 -18.94 -0.69
CA ARG A 203 -51.32 -18.48 -0.48
C ARG A 203 -50.37 -19.65 -0.29
N CYS A 204 -49.24 -19.61 -0.99
CA CYS A 204 -48.25 -20.67 -0.90
C CYS A 204 -47.05 -20.22 -0.10
N TRP A 205 -46.76 -20.94 0.99
CA TRP A 205 -45.71 -20.58 1.94
C TRP A 205 -44.42 -21.33 1.78
N ALA A 206 -43.31 -20.60 1.77
CA ALA A 206 -41.99 -21.21 1.89
C ALA A 206 -41.25 -20.63 3.10
N LEU A 207 -40.90 -21.47 4.08
CA LEU A 207 -40.28 -21.01 5.33
C LEU A 207 -38.92 -21.64 5.63
N GLY A 208 -38.07 -20.88 6.34
CA GLY A 208 -36.82 -21.43 6.91
C GLY A 208 -35.75 -21.96 5.97
N PHE A 209 -35.72 -21.44 4.73
CA PHE A 209 -34.77 -21.88 3.72
C PHE A 209 -33.49 -21.04 3.64
N TYR A 210 -32.45 -21.65 3.09
CA TYR A 210 -31.16 -20.98 2.86
C TYR A 210 -30.41 -21.76 1.76
N PRO A 211 -29.86 -21.04 0.76
CA PRO A 211 -29.76 -19.59 0.66
C PRO A 211 -31.07 -18.96 0.21
N ALA A 212 -31.05 -17.63 0.05
CA ALA A 212 -32.27 -16.84 -0.22
C ALA A 212 -32.95 -17.16 -1.57
N GLU A 213 -32.14 -17.33 -2.62
CA GLU A 213 -32.63 -17.72 -3.94
C GLU A 213 -33.70 -18.83 -3.88
N ILE A 214 -34.86 -18.55 -4.47
CA ILE A 214 -35.99 -19.48 -4.46
C ILE A 214 -36.95 -19.09 -5.60
N THR A 215 -37.76 -20.05 -6.07
CA THR A 215 -38.79 -19.79 -7.07
C THR A 215 -40.12 -20.41 -6.66
N LEU A 216 -41.10 -19.53 -6.52
CA LEU A 216 -42.47 -19.92 -6.27
C LEU A 216 -43.27 -19.59 -7.49
N THR A 217 -44.06 -20.56 -7.94
CA THR A 217 -44.74 -20.47 -9.20
C THR A 217 -46.10 -21.17 -9.05
N TRP A 218 -47.11 -20.59 -9.67
CA TRP A 218 -48.46 -21.14 -9.62
C TRP A 218 -48.88 -21.72 -10.93
N GLN A 219 -49.63 -22.82 -10.85
CA GLN A 219 -50.15 -23.49 -12.03
C GLN A 219 -51.60 -23.94 -11.87
N ARG A 220 -52.45 -23.50 -12.79
CA ARG A 220 -53.81 -24.02 -12.84
C ARG A 220 -53.86 -25.03 -13.96
N ASP A 221 -54.21 -26.27 -13.63
CA ASP A 221 -54.21 -27.34 -14.65
C ASP A 221 -52.87 -27.34 -15.39
N GLY A 222 -51.78 -27.21 -14.64
CA GLY A 222 -50.43 -27.15 -15.21
C GLY A 222 -50.17 -26.02 -16.19
N GLU A 223 -50.71 -24.83 -15.91
CA GLU A 223 -50.51 -23.66 -16.77
C GLU A 223 -49.79 -22.55 -16.00
N ASP A 224 -48.76 -21.97 -16.61
CA ASP A 224 -48.00 -20.89 -15.97
C ASP A 224 -48.82 -19.62 -15.74
N GLN A 225 -49.38 -19.52 -14.52
CA GLN A 225 -50.28 -18.44 -14.15
C GLN A 225 -49.52 -17.13 -13.84
N THR A 226 -50.03 -16.01 -14.35
CA THR A 226 -49.51 -14.67 -13.98
C THR A 226 -50.65 -13.68 -13.67
N GLN A 227 -51.85 -13.99 -14.16
CA GLN A 227 -53.08 -13.33 -13.68
C GLN A 227 -53.36 -13.75 -12.26
N ASP A 228 -53.57 -12.75 -11.40
CA ASP A 228 -53.89 -12.95 -9.98
C ASP A 228 -52.78 -13.70 -9.21
N THR A 229 -51.52 -13.38 -9.53
CA THR A 229 -50.36 -14.00 -8.88
C THR A 229 -49.56 -12.95 -8.11
N GLU A 230 -49.87 -12.80 -6.83
CA GLU A 230 -49.12 -11.86 -5.98
C GLU A 230 -47.86 -12.52 -5.42
N LEU A 231 -46.74 -11.87 -5.67
CA LEU A 231 -45.44 -12.32 -5.21
C LEU A 231 -44.81 -11.25 -4.31
N VAL A 232 -44.51 -11.59 -3.06
CA VAL A 232 -43.78 -10.67 -2.16
C VAL A 232 -42.29 -10.89 -2.20
N GLU A 233 -41.52 -9.84 -1.92
CA GLU A 233 -40.07 -9.90 -1.69
C GLU A 233 -39.71 -11.01 -0.71
N THR A 234 -38.65 -11.76 -1.01
CA THR A 234 -38.07 -12.73 -0.10
C THR A 234 -37.59 -11.96 1.11
N ARG A 235 -37.95 -12.42 2.30
CA ARG A 235 -37.61 -11.71 3.53
C ARG A 235 -36.74 -12.53 4.47
N PRO A 236 -35.84 -11.86 5.19
CA PRO A 236 -35.08 -12.54 6.23
C PRO A 236 -35.96 -12.85 7.45
N ALA A 237 -35.77 -14.03 8.04
CA ALA A 237 -36.49 -14.40 9.25
C ALA A 237 -35.75 -13.87 10.47
N GLY A 238 -34.45 -13.58 10.29
CA GLY A 238 -33.60 -13.06 11.34
C GLY A 238 -32.72 -14.12 11.99
N ASP A 239 -32.90 -15.38 11.62
CA ASP A 239 -32.07 -16.47 12.14
C ASP A 239 -31.13 -17.02 11.07
N GLY A 240 -30.89 -16.24 10.02
CA GLY A 240 -30.12 -16.71 8.89
C GLY A 240 -30.95 -17.47 7.87
N THR A 241 -32.24 -17.62 8.11
CA THR A 241 -33.10 -18.21 7.08
C THR A 241 -34.00 -17.19 6.41
N PHE A 242 -34.70 -17.62 5.37
CA PHE A 242 -35.53 -16.72 4.58
C PHE A 242 -36.94 -17.24 4.41
N GLN A 243 -37.83 -16.33 3.99
CA GLN A 243 -39.24 -16.66 3.80
C GLN A 243 -39.74 -16.00 2.54
N LYS A 244 -40.79 -16.55 1.93
CA LYS A 244 -41.45 -15.97 0.75
C LYS A 244 -42.84 -16.60 0.63
N TRP A 245 -43.80 -15.89 0.05
CA TRP A 245 -45.09 -16.50 -0.33
C TRP A 245 -45.56 -16.02 -1.66
N ALA A 246 -46.32 -16.87 -2.33
CA ALA A 246 -47.00 -16.53 -3.57
C ALA A 246 -48.47 -16.80 -3.38
N ALA A 247 -49.30 -15.95 -3.98
CA ALA A 247 -50.73 -16.02 -3.76
C ALA A 247 -51.49 -15.95 -5.07
N VAL A 248 -52.54 -16.77 -5.16
CA VAL A 248 -53.48 -16.70 -6.28
C VAL A 248 -54.91 -16.42 -5.84
N VAL A 249 -55.54 -15.48 -6.53
CA VAL A 249 -56.99 -15.28 -6.44
C VAL A 249 -57.67 -16.20 -7.45
N VAL A 250 -58.53 -17.08 -6.94
CA VAL A 250 -59.17 -18.10 -7.78
C VAL A 250 -60.71 -18.01 -7.74
N PRO A 251 -61.40 -18.46 -8.81
CA PRO A 251 -62.84 -18.70 -8.67
C PRO A 251 -63.08 -19.87 -7.71
N SER A 252 -64.10 -19.75 -6.86
CA SER A 252 -64.33 -20.73 -5.79
C SER A 252 -64.62 -22.16 -6.26
N GLY A 253 -64.46 -23.13 -5.36
CA GLY A 253 -64.63 -24.55 -5.70
C GLY A 253 -63.52 -25.11 -6.59
N GLU A 254 -62.84 -24.23 -7.32
CA GLU A 254 -61.73 -24.58 -8.21
C GLU A 254 -60.37 -24.68 -7.49
N GLU A 255 -60.38 -24.72 -6.15
CA GLU A 255 -59.13 -24.86 -5.39
C GLU A 255 -58.30 -26.02 -5.91
N GLN A 256 -58.94 -27.19 -5.99
CA GLN A 256 -58.27 -28.45 -6.27
C GLN A 256 -57.59 -28.54 -7.65
N ARG A 257 -57.85 -27.58 -8.53
CA ARG A 257 -57.25 -27.58 -9.86
C ARG A 257 -56.01 -26.68 -10.00
N TYR A 258 -55.75 -25.90 -8.96
CA TYR A 258 -54.60 -24.99 -8.91
C TYR A 258 -53.43 -25.65 -8.17
N THR A 259 -52.20 -25.31 -8.58
CA THR A 259 -51.03 -25.96 -7.99
C THR A 259 -49.80 -25.05 -7.87
N CYS A 260 -49.12 -25.10 -6.72
CA CYS A 260 -47.93 -24.28 -6.46
C CYS A 260 -46.63 -25.08 -6.53
N HIS A 261 -45.62 -24.50 -7.17
CA HIS A 261 -44.34 -25.17 -7.40
C HIS A 261 -43.17 -24.43 -6.79
N VAL A 262 -42.40 -25.16 -5.98
CA VAL A 262 -41.28 -24.61 -5.23
C VAL A 262 -39.95 -25.18 -5.70
N GLN A 263 -39.08 -24.32 -6.24
CA GLN A 263 -37.70 -24.68 -6.58
C GLN A 263 -36.68 -24.01 -5.67
N HIS A 264 -35.80 -24.82 -5.09
CA HIS A 264 -34.71 -24.33 -4.24
C HIS A 264 -33.52 -25.27 -4.28
N GLU A 265 -32.32 -24.71 -4.08
CA GLU A 265 -31.07 -25.49 -4.10
C GLU A 265 -31.09 -26.73 -3.21
N GLY A 266 -31.78 -26.63 -2.08
CA GLY A 266 -31.91 -27.76 -1.15
C GLY A 266 -33.07 -28.69 -1.39
N LEU A 267 -33.72 -28.57 -2.55
CA LEU A 267 -34.75 -29.52 -2.94
C LEU A 267 -34.25 -30.28 -4.17
N PRO A 268 -33.89 -31.57 -3.99
CA PRO A 268 -33.44 -32.35 -5.15
C PRO A 268 -34.53 -32.37 -6.24
N LYS A 269 -35.76 -32.69 -5.84
CA LYS A 269 -36.92 -32.57 -6.72
C LYS A 269 -37.73 -31.35 -6.29
N PRO A 270 -38.08 -30.48 -7.27
CA PRO A 270 -39.11 -29.46 -7.07
C PRO A 270 -40.39 -30.01 -6.43
N LEU A 271 -40.95 -29.26 -5.48
CA LEU A 271 -42.20 -29.63 -4.79
C LEU A 271 -43.46 -29.17 -5.54
N THR A 272 -44.47 -30.05 -5.55
CA THR A 272 -45.78 -29.77 -6.10
C THR A 272 -46.77 -29.64 -4.94
N LEU A 273 -47.57 -28.57 -4.94
CA LEU A 273 -48.56 -28.39 -3.89
C LEU A 273 -49.95 -28.06 -4.40
N ARG A 274 -50.93 -28.72 -3.80
CA ARG A 274 -52.35 -28.47 -4.05
C ARG A 274 -53.06 -28.51 -2.72
N TRP A 275 -54.28 -27.97 -2.68
CA TRP A 275 -55.03 -27.84 -1.42
C TRP A 275 -55.19 -29.14 -0.67
N GLY A 276 -55.15 -30.26 -1.40
CA GLY A 276 -55.01 -31.60 -0.81
C GLY A 276 -56.13 -32.08 0.10
N SER A 277 -55.90 -32.01 1.41
CA SER A 277 -56.81 -32.52 2.45
C SER A 277 -58.24 -31.96 2.40
N LEU A 278 -59.20 -32.73 2.91
CA LEU A 278 -60.62 -32.35 2.87
C LEU A 278 -60.87 -30.98 3.50
N GLY A 279 -61.28 -30.04 2.65
CA GLY A 279 -61.44 -28.63 2.99
C GLY A 279 -61.45 -27.81 1.71
N GLY A 280 -61.80 -26.53 1.84
CA GLY A 280 -61.85 -25.64 0.69
C GLY A 280 -62.81 -24.49 0.90
N MET B 1 -33.63 13.38 -9.79
CA MET B 1 -33.11 12.36 -8.84
C MET B 1 -34.14 11.25 -8.62
N ILE B 2 -33.66 10.01 -8.71
CA ILE B 2 -34.53 8.84 -8.54
C ILE B 2 -34.92 8.65 -7.07
N GLN B 3 -36.19 8.33 -6.85
CA GLN B 3 -36.74 8.07 -5.51
C GLN B 3 -37.60 6.83 -5.57
N ARG B 4 -37.44 5.95 -4.60
CA ARG B 4 -38.28 4.75 -4.58
C ARG B 4 -38.92 4.54 -3.22
N THR B 5 -40.21 4.25 -3.24
CA THR B 5 -41.01 4.07 -2.05
C THR B 5 -40.76 2.67 -1.49
N PRO B 6 -40.76 2.51 -0.16
CA PRO B 6 -40.51 1.20 0.46
C PRO B 6 -41.61 0.19 0.26
N LYS B 7 -41.23 -1.08 0.35
CA LYS B 7 -42.16 -2.18 0.44
C LYS B 7 -42.06 -2.63 1.88
N ILE B 8 -43.22 -2.81 2.51
CA ILE B 8 -43.27 -3.09 3.94
C ILE B 8 -43.90 -4.46 4.20
N GLN B 9 -43.18 -5.27 4.99
CA GLN B 9 -43.74 -6.52 5.51
C GLN B 9 -43.49 -6.63 6.99
N VAL B 10 -44.54 -7.05 7.69
CA VAL B 10 -44.51 -7.30 9.13
C VAL B 10 -44.97 -8.75 9.36
N TYR B 11 -44.19 -9.48 10.14
CA TYR B 11 -44.29 -10.94 10.21
C TYR B 11 -43.46 -11.42 11.40
N SER B 12 -43.72 -12.64 11.83
CA SER B 12 -43.01 -13.25 12.94
C SER B 12 -41.95 -14.18 12.37
N ARG B 13 -40.84 -14.29 13.10
CA ARG B 13 -39.74 -15.18 12.74
C ARG B 13 -40.21 -16.62 12.65
N HIS B 14 -40.83 -17.13 13.71
CA HIS B 14 -41.40 -18.47 13.67
C HIS B 14 -42.89 -18.33 13.53
N PRO B 15 -43.60 -19.42 13.16
CA PRO B 15 -45.07 -19.35 13.16
C PRO B 15 -45.59 -19.11 14.57
N ALA B 16 -46.48 -18.15 14.70
CA ALA B 16 -46.88 -17.66 16.00
C ALA B 16 -47.63 -18.73 16.81
N GLU B 17 -47.23 -18.89 18.05
CA GLU B 17 -47.90 -19.77 18.99
C GLU B 17 -48.15 -18.94 20.27
N ASN B 18 -49.43 -18.62 20.53
CA ASN B 18 -49.81 -17.79 21.69
C ASN B 18 -49.13 -18.21 23.00
N GLY B 19 -48.35 -17.30 23.57
CA GLY B 19 -47.68 -17.55 24.84
C GLY B 19 -46.24 -18.01 24.71
N LYS B 20 -45.84 -18.39 23.50
CA LYS B 20 -44.43 -18.75 23.22
C LYS B 20 -43.62 -17.55 22.72
N SER B 21 -42.37 -17.51 23.17
CA SER B 21 -41.44 -16.49 22.74
C SER B 21 -41.23 -16.54 21.20
N ASN B 22 -40.97 -15.37 20.62
CA ASN B 22 -40.79 -15.25 19.18
C ASN B 22 -40.10 -13.93 18.88
N PHE B 23 -39.89 -13.66 17.59
CA PHE B 23 -39.41 -12.35 17.13
C PHE B 23 -40.40 -11.70 16.18
N LEU B 24 -40.67 -10.43 16.40
CA LEU B 24 -41.52 -9.65 15.50
C LEU B 24 -40.65 -8.82 14.54
N ASN B 25 -40.86 -9.04 13.23
CA ASN B 25 -40.02 -8.42 12.21
C ASN B 25 -40.80 -7.40 11.39
N CYS B 26 -40.17 -6.25 11.15
CA CYS B 26 -40.59 -5.39 10.06
C CYS B 26 -39.46 -5.30 9.03
N TYR B 27 -39.75 -5.75 7.81
CA TYR B 27 -38.78 -5.73 6.75
C TYR B 27 -39.17 -4.66 5.73
N VAL B 28 -38.36 -3.61 5.63
CA VAL B 28 -38.54 -2.65 4.55
C VAL B 28 -37.45 -2.79 3.45
N SER B 29 -37.89 -2.73 2.19
CA SER B 29 -37.02 -2.97 1.06
C SER B 29 -37.39 -2.12 -0.14
N GLY B 30 -36.44 -2.02 -1.08
CA GLY B 30 -36.67 -1.36 -2.36
C GLY B 30 -36.77 0.15 -2.28
N PHE B 31 -36.20 0.76 -1.24
CA PHE B 31 -36.37 2.22 -1.10
C PHE B 31 -35.10 3.01 -1.46
N HIS B 32 -35.32 4.26 -1.80
CA HIS B 32 -34.27 5.21 -2.09
C HIS B 32 -34.83 6.62 -1.95
N PRO B 33 -34.09 7.54 -1.28
CA PRO B 33 -32.83 7.45 -0.52
C PRO B 33 -32.97 6.66 0.78
N SER B 34 -31.90 6.57 1.56
CA SER B 34 -31.83 5.63 2.68
C SER B 34 -32.44 6.05 4.03
N ASP B 35 -32.62 7.36 4.26
CA ASP B 35 -33.31 7.79 5.49
C ASP B 35 -34.70 7.18 5.56
N ILE B 36 -35.03 6.58 6.68
CA ILE B 36 -36.32 5.91 6.89
C ILE B 36 -36.62 5.82 8.38
N GLU B 37 -37.85 6.13 8.78
CA GLU B 37 -38.29 5.91 10.17
C GLU B 37 -39.20 4.71 10.23
N VAL B 38 -38.87 3.80 11.13
CA VAL B 38 -39.68 2.58 11.28
C VAL B 38 -39.99 2.36 12.77
N ASP B 39 -41.25 2.13 13.11
CA ASP B 39 -41.62 1.69 14.47
C ASP B 39 -42.37 0.40 14.45
N LEU B 40 -42.12 -0.42 15.47
CA LEU B 40 -42.96 -1.57 15.77
C LEU B 40 -43.90 -1.18 16.92
N LEU B 41 -45.17 -1.50 16.74
CA LEU B 41 -46.21 -1.02 17.65
C LEU B 41 -46.89 -2.17 18.37
N LYS B 42 -47.17 -1.95 19.65
CA LYS B 42 -48.01 -2.87 20.40
C LYS B 42 -49.24 -2.09 20.83
N ASN B 43 -50.39 -2.49 20.30
CA ASN B 43 -51.66 -1.80 20.55
C ASN B 43 -51.54 -0.28 20.30
N GLY B 44 -51.06 0.07 19.11
CA GLY B 44 -50.92 1.47 18.66
C GLY B 44 -49.78 2.23 19.30
N GLU B 45 -49.06 1.58 20.21
CA GLU B 45 -47.97 2.23 20.94
C GLU B 45 -46.60 1.72 20.52
N ARG B 46 -45.67 2.66 20.41
CA ARG B 46 -44.28 2.40 20.05
C ARG B 46 -43.60 1.42 21.02
N ILE B 47 -42.99 0.36 20.46
CA ILE B 47 -42.12 -0.50 21.26
C ILE B 47 -40.73 0.12 21.32
N GLU B 48 -40.18 0.16 22.52
CA GLU B 48 -39.02 1.00 22.82
C GLU B 48 -37.68 0.33 22.51
N LYS B 49 -37.60 -0.98 22.69
CA LYS B 49 -36.35 -1.68 22.47
C LYS B 49 -36.40 -2.42 21.12
N VAL B 50 -36.04 -1.69 20.06
CA VAL B 50 -36.08 -2.24 18.71
C VAL B 50 -34.69 -2.18 18.13
N GLU B 51 -34.25 -3.26 17.51
CA GLU B 51 -32.99 -3.26 16.81
C GLU B 51 -33.21 -3.33 15.30
N HIS B 52 -32.20 -2.97 14.55
CA HIS B 52 -32.25 -3.11 13.10
C HIS B 52 -30.96 -3.64 12.54
N SER B 53 -31.02 -4.31 11.41
CA SER B 53 -29.83 -4.73 10.68
C SER B 53 -29.00 -3.52 10.18
N ASP B 54 -27.78 -3.82 9.73
CA ASP B 54 -26.88 -2.82 9.14
C ASP B 54 -27.38 -2.49 7.72
N LEU B 55 -27.33 -1.21 7.36
CA LEU B 55 -27.80 -0.77 6.05
C LEU B 55 -27.10 -1.47 4.88
N SER B 56 -27.87 -2.11 4.01
CA SER B 56 -27.35 -2.74 2.82
C SER B 56 -28.24 -2.46 1.60
N PHE B 57 -27.84 -2.93 0.43
CA PHE B 57 -28.62 -2.67 -0.77
C PHE B 57 -28.61 -3.81 -1.78
N SER B 58 -29.53 -3.72 -2.74
CA SER B 58 -29.74 -4.79 -3.68
C SER B 58 -29.05 -4.47 -5.00
N LYS B 59 -29.18 -5.40 -5.94
CA LYS B 59 -28.53 -5.26 -7.22
C LYS B 59 -28.87 -3.92 -7.88
N ASP B 60 -30.15 -3.57 -7.85
CA ASP B 60 -30.67 -2.33 -8.46
C ASP B 60 -30.42 -1.08 -7.60
N TRP B 61 -29.59 -1.21 -6.59
CA TRP B 61 -29.17 -0.10 -5.71
C TRP B 61 -30.12 0.29 -4.61
N SER B 62 -31.27 -0.35 -4.52
CA SER B 62 -32.25 0.10 -3.57
C SER B 62 -32.00 -0.58 -2.22
N PHE B 63 -32.40 0.10 -1.14
CA PHE B 63 -32.03 -0.35 0.21
C PHE B 63 -33.01 -1.34 0.83
N TYR B 64 -32.54 -2.01 1.87
CA TYR B 64 -33.37 -2.86 2.71
C TYR B 64 -32.87 -2.85 4.15
N LEU B 65 -33.82 -2.93 5.09
CA LEU B 65 -33.48 -3.01 6.49
C LEU B 65 -34.46 -3.98 7.15
N LEU B 66 -33.96 -4.67 8.16
CA LEU B 66 -34.78 -5.48 9.02
C LEU B 66 -34.87 -4.87 10.42
N TYR B 67 -36.09 -4.58 10.86
CA TYR B 67 -36.33 -4.12 12.22
C TYR B 67 -36.95 -5.28 12.95
N TYR B 68 -36.44 -5.55 14.16
CA TYR B 68 -36.88 -6.71 14.91
C TYR B 68 -36.83 -6.48 16.41
N THR B 69 -37.78 -7.11 17.08
CA THR B 69 -37.79 -7.17 18.53
C THR B 69 -38.38 -8.49 18.99
N GLU B 70 -38.00 -8.93 20.18
CA GLU B 70 -38.57 -10.18 20.69
C GLU B 70 -39.93 -9.94 21.26
N PHE B 71 -40.80 -10.92 21.12
CA PHE B 71 -42.15 -10.78 21.57
C PHE B 71 -42.81 -12.14 21.76
N THR B 72 -43.90 -12.11 22.51
CA THR B 72 -44.67 -13.27 22.84
C THR B 72 -46.09 -12.96 22.39
N PRO B 73 -46.46 -13.45 21.19
CA PRO B 73 -47.79 -13.18 20.66
C PRO B 73 -48.86 -13.70 21.60
N THR B 74 -49.95 -12.94 21.71
CA THR B 74 -51.10 -13.32 22.52
C THR B 74 -52.35 -13.23 21.65
N GLU B 75 -53.46 -13.82 22.08
CA GLU B 75 -54.65 -13.88 21.24
C GLU B 75 -55.23 -12.50 20.93
N LYS B 76 -54.97 -11.55 21.82
CA LYS B 76 -55.63 -10.23 21.78
C LYS B 76 -54.70 -9.03 21.48
N ASP B 77 -53.43 -9.09 21.89
CA ASP B 77 -52.48 -8.02 21.58
C ASP B 77 -52.29 -7.85 20.06
N GLU B 78 -52.36 -6.61 19.57
CA GLU B 78 -52.22 -6.26 18.15
C GLU B 78 -50.91 -5.50 17.83
N TYR B 79 -50.15 -6.05 16.89
CA TYR B 79 -48.81 -5.55 16.58
C TYR B 79 -48.80 -5.02 15.17
N ALA B 80 -47.94 -4.05 14.90
CA ALA B 80 -47.92 -3.44 13.58
C ALA B 80 -46.56 -2.79 13.27
N CYS B 81 -46.41 -2.36 12.03
CA CYS B 81 -45.25 -1.62 11.57
C CYS B 81 -45.72 -0.23 11.15
N ARG B 82 -45.02 0.82 11.59
CA ARG B 82 -45.31 2.15 11.09
C ARG B 82 -44.04 2.63 10.41
N VAL B 83 -44.18 3.05 9.15
CA VAL B 83 -43.02 3.43 8.33
C VAL B 83 -43.21 4.82 7.77
N ASN B 84 -42.20 5.66 7.92
CA ASN B 84 -42.15 6.97 7.23
C ASN B 84 -40.92 7.15 6.32
N HIS B 85 -41.14 7.76 5.14
CA HIS B 85 -40.11 7.94 4.14
C HIS B 85 -40.42 9.20 3.34
N VAL B 86 -39.41 9.85 2.78
CA VAL B 86 -39.65 11.00 1.90
C VAL B 86 -40.71 10.75 0.81
N THR B 87 -40.71 9.56 0.21
CA THR B 87 -41.65 9.26 -0.87
C THR B 87 -43.10 9.19 -0.38
N LEU B 88 -43.32 9.18 0.94
CA LEU B 88 -44.68 9.02 1.46
C LEU B 88 -45.26 10.34 1.93
N SER B 89 -46.46 10.63 1.44
CA SER B 89 -47.22 11.77 1.90
C SER B 89 -47.61 11.62 3.38
N GLN B 90 -47.78 10.38 3.85
CA GLN B 90 -47.96 10.11 5.28
C GLN B 90 -47.40 8.75 5.72
N PRO B 91 -47.07 8.60 7.01
CA PRO B 91 -46.65 7.28 7.53
C PRO B 91 -47.58 6.17 7.07
N LYS B 92 -46.99 5.02 6.70
CA LYS B 92 -47.74 3.86 6.27
C LYS B 92 -47.79 2.97 7.48
N ILE B 93 -48.97 2.42 7.76
CA ILE B 93 -49.10 1.46 8.86
C ILE B 93 -49.56 0.10 8.32
N VAL B 94 -48.76 -0.93 8.59
CA VAL B 94 -49.11 -2.28 8.19
C VAL B 94 -49.32 -3.08 9.46
N LYS B 95 -50.44 -3.79 9.52
CA LYS B 95 -50.81 -4.58 10.68
C LYS B 95 -50.26 -5.95 10.51
N TRP B 96 -49.69 -6.48 11.58
CA TRP B 96 -49.30 -7.88 11.59
C TRP B 96 -50.49 -8.79 11.55
N ASP B 97 -50.48 -9.68 10.58
CA ASP B 97 -51.58 -10.62 10.37
C ASP B 97 -51.00 -12.04 10.28
N ARG B 98 -51.44 -12.93 11.16
CA ARG B 98 -50.86 -14.29 11.26
C ARG B 98 -50.82 -15.08 9.95
N ASP B 99 -51.74 -14.80 9.03
CA ASP B 99 -51.66 -15.35 7.67
C ASP B 99 -51.26 -14.32 6.55
N MET B 100 -50.46 -13.32 6.92
CA MET B 100 -49.84 -12.35 6.00
C MET B 100 -50.76 -11.75 4.96
N ARG C 1 -11.86 -9.86 2.65
CA ARG C 1 -10.81 -8.78 2.55
C ARG C 1 -11.23 -7.61 1.68
N PHE C 2 -11.08 -6.40 2.21
CA PHE C 2 -11.46 -5.17 1.50
C PHE C 2 -10.33 -4.79 0.53
N PRO C 3 -10.68 -4.24 -0.64
CA PRO C 3 -9.65 -3.81 -1.62
C PRO C 3 -8.95 -2.51 -1.23
N LEU C 4 -7.70 -2.36 -1.65
CA LEU C 4 -6.99 -1.10 -1.49
C LEU C 4 -7.50 -0.17 -2.55
N THR C 5 -8.21 0.88 -2.15
CA THR C 5 -8.84 1.75 -3.14
C THR C 5 -8.34 3.19 -3.09
N PHE C 6 -7.26 3.42 -2.36
CA PHE C 6 -6.77 4.79 -2.19
C PHE C 6 -6.44 5.44 -3.51
N GLY C 7 -6.73 6.74 -3.59
CA GLY C 7 -6.55 7.50 -4.81
C GLY C 7 -7.58 7.24 -5.90
N TRP C 8 -8.50 6.29 -5.69
CA TRP C 8 -9.52 6.05 -6.73
C TRP C 8 -10.66 7.00 -6.61
N CYS C 9 -10.36 8.24 -7.00
CA CYS C 9 -11.27 9.36 -6.87
C CYS C 9 -11.91 9.77 -8.19
N PHE C 10 -13.07 10.41 -8.12
CA PHE C 10 -13.86 10.68 -9.30
C PHE C 10 -13.18 11.73 -10.16
N GLN D 2 12.16 -10.87 0.61
CA GLN D 2 13.06 -11.88 -0.05
C GLN D 2 14.07 -12.46 0.96
N LYS D 3 13.67 -13.55 1.62
CA LYS D 3 14.47 -14.20 2.67
C LYS D 3 14.25 -15.73 2.69
N GLU D 4 14.60 -16.40 1.59
CA GLU D 4 14.31 -17.85 1.40
C GLU D 4 15.52 -18.68 0.94
N VAL D 5 15.25 -19.81 0.27
CA VAL D 5 16.31 -20.76 -0.16
C VAL D 5 17.23 -20.18 -1.25
N GLU D 6 16.66 -19.37 -2.15
CA GLU D 6 17.45 -18.50 -3.03
C GLU D 6 17.24 -17.05 -2.58
N GLN D 7 17.65 -16.74 -1.35
CA GLN D 7 17.59 -15.35 -0.91
C GLN D 7 18.65 -14.56 -1.67
N ASN D 8 18.26 -13.40 -2.20
CA ASN D 8 19.19 -12.56 -2.91
C ASN D 8 20.41 -12.42 -2.02
N SER D 9 21.59 -12.64 -2.59
CA SER D 9 22.80 -12.62 -1.79
C SER D 9 23.80 -11.56 -2.26
N GLY D 10 23.99 -10.57 -1.41
CA GLY D 10 24.89 -9.46 -1.65
C GLY D 10 24.82 -8.87 -3.04
N PRO D 11 25.99 -8.70 -3.67
CA PRO D 11 26.10 -8.03 -4.96
C PRO D 11 25.75 -8.90 -6.15
N LEU D 12 25.56 -8.22 -7.27
CA LEU D 12 25.51 -8.87 -8.55
C LEU D 12 26.35 -8.01 -9.51
N SER D 13 27.30 -8.67 -10.16
CA SER D 13 28.10 -7.97 -11.16
C SER D 13 27.88 -8.58 -12.53
N VAL D 14 27.79 -7.73 -13.54
CA VAL D 14 27.68 -8.20 -14.91
C VAL D 14 28.72 -7.53 -15.79
N PRO D 15 29.27 -8.29 -16.76
CA PRO D 15 30.12 -7.67 -17.79
C PRO D 15 29.38 -6.51 -18.43
N GLU D 16 30.04 -5.37 -18.57
CA GLU D 16 29.46 -4.27 -19.29
C GLU D 16 28.98 -4.76 -20.65
N GLY D 17 27.75 -4.42 -21.01
CA GLY D 17 27.16 -4.81 -22.30
C GLY D 17 26.28 -6.05 -22.23
N ALA D 18 26.51 -6.87 -21.22
CA ALA D 18 25.67 -8.05 -20.95
C ALA D 18 24.26 -7.68 -20.47
N ILE D 19 23.43 -8.71 -20.31
CA ILE D 19 22.09 -8.54 -19.75
C ILE D 19 22.12 -8.91 -18.27
N ALA D 20 21.69 -7.98 -17.42
CA ALA D 20 21.54 -8.25 -15.99
C ALA D 20 20.21 -8.90 -15.63
N SER D 21 20.27 -9.94 -14.80
CA SER D 21 19.09 -10.68 -14.37
C SER D 21 18.98 -10.69 -12.88
N LEU D 22 18.06 -9.90 -12.35
CA LEU D 22 17.77 -9.92 -10.94
C LEU D 22 16.44 -10.64 -10.74
N ASN D 23 16.52 -11.90 -10.29
CA ASN D 23 15.33 -12.68 -10.00
C ASN D 23 15.16 -12.85 -8.50
N CYS D 24 14.01 -12.41 -8.00
CA CYS D 24 13.75 -12.46 -6.55
C CYS D 24 12.51 -13.29 -6.21
N THR D 25 12.51 -13.93 -5.05
CA THR D 25 11.36 -14.69 -4.53
C THR D 25 10.64 -13.90 -3.45
N TYR D 26 9.32 -13.90 -3.52
CA TYR D 26 8.53 -13.35 -2.44
C TYR D 26 7.70 -14.45 -1.79
N SER D 27 7.49 -14.31 -0.48
CA SER D 27 6.86 -15.34 0.33
C SER D 27 5.33 -15.32 0.34
N ASP D 28 4.75 -14.12 0.44
CA ASP D 28 3.32 -13.95 0.66
C ASP D 28 2.54 -14.11 -0.64
N ARG D 29 1.78 -15.19 -0.73
CA ARG D 29 1.01 -15.49 -1.96
C ARG D 29 -0.09 -14.45 -2.26
N GLY D 30 -0.42 -13.60 -1.29
CA GLY D 30 -1.42 -12.55 -1.51
C GLY D 30 -0.85 -11.27 -2.13
N SER D 31 0.42 -11.31 -2.55
CA SER D 31 1.06 -10.14 -3.15
C SER D 31 0.55 -9.91 -4.58
N GLN D 32 0.21 -8.65 -4.89
CA GLN D 32 -0.44 -8.38 -6.16
C GLN D 32 0.26 -7.34 -7.04
N SER D 33 0.74 -6.27 -6.45
CA SER D 33 1.40 -5.19 -7.18
C SER D 33 2.87 -5.08 -6.73
N PHE D 34 3.78 -4.90 -7.69
CA PHE D 34 5.21 -4.88 -7.44
C PHE D 34 5.82 -3.65 -8.10
N PHE D 35 6.82 -3.07 -7.44
CA PHE D 35 7.35 -1.80 -7.90
C PHE D 35 8.84 -1.87 -7.83
N TRP D 36 9.50 -1.60 -8.95
CA TRP D 36 10.96 -1.61 -8.99
C TRP D 36 11.49 -0.24 -8.82
N TYR D 37 12.48 -0.09 -7.95
CA TYR D 37 13.13 1.21 -7.77
C TYR D 37 14.61 1.10 -8.02
N ARG D 38 15.21 2.19 -8.51
CA ARG D 38 16.66 2.29 -8.62
C ARG D 38 17.17 3.30 -7.59
N GLN D 39 18.16 2.92 -6.79
CA GLN D 39 18.72 3.86 -5.83
C GLN D 39 20.21 3.97 -5.97
N TYR D 40 20.68 5.17 -6.29
CA TYR D 40 22.12 5.45 -6.35
C TYR D 40 22.55 5.72 -4.95
N SER D 41 23.80 5.36 -4.66
CA SER D 41 24.35 5.49 -3.33
C SER D 41 24.05 6.84 -2.67
N GLY D 42 23.42 6.77 -1.49
CA GLY D 42 23.03 7.96 -0.74
C GLY D 42 22.18 8.91 -1.56
N LYS D 43 21.23 8.35 -2.29
CA LYS D 43 20.28 9.13 -3.08
C LYS D 43 18.90 8.51 -2.88
N SER D 44 17.90 9.19 -3.40
CA SER D 44 16.51 8.78 -3.29
C SER D 44 16.18 7.60 -4.22
N PRO D 45 15.35 6.64 -3.75
CA PRO D 45 14.88 5.54 -4.61
C PRO D 45 14.02 6.10 -5.72
N GLU D 46 14.37 5.79 -6.96
CA GLU D 46 13.62 6.29 -8.13
C GLU D 46 12.78 5.16 -8.74
N LEU D 47 11.52 5.41 -8.98
CA LEU D 47 10.66 4.39 -9.59
C LEU D 47 11.03 4.15 -11.05
N ILE D 48 11.24 2.88 -11.38
CA ILE D 48 11.58 2.55 -12.77
C ILE D 48 10.56 1.72 -13.49
N MET D 49 9.77 0.95 -12.76
CA MET D 49 8.86 -0.04 -13.33
C MET D 49 7.80 -0.43 -12.30
N SER D 50 6.55 -0.52 -12.75
CA SER D 50 5.46 -1.09 -11.96
C SER D 50 4.80 -2.23 -12.69
N ILE D 51 4.37 -3.25 -11.96
CA ILE D 51 3.76 -4.41 -12.60
C ILE D 51 2.59 -4.93 -11.73
N TYR D 52 1.40 -5.00 -12.32
CA TYR D 52 0.18 -5.34 -11.58
C TYR D 52 -0.35 -6.74 -11.83
N SER D 53 0.16 -7.40 -12.86
CA SER D 53 -0.32 -8.74 -13.16
C SER D 53 0.77 -9.61 -13.71
N ASN D 54 0.48 -10.90 -13.79
CA ASN D 54 1.38 -11.90 -14.31
C ASN D 54 2.05 -11.53 -15.64
N GLY D 55 3.34 -11.79 -15.77
CA GLY D 55 4.02 -11.64 -17.05
C GLY D 55 5.20 -10.71 -17.12
N ASP D 56 5.32 -10.02 -18.26
CA ASP D 56 6.44 -9.16 -18.61
C ASP D 56 5.96 -7.77 -18.96
N LYS D 57 6.72 -6.75 -18.56
CA LYS D 57 6.47 -5.37 -18.98
C LYS D 57 7.80 -4.74 -19.41
N GLU D 58 7.75 -3.87 -20.42
CA GLU D 58 8.99 -3.41 -21.01
C GLU D 58 9.00 -1.90 -21.19
N ASP D 59 10.08 -1.27 -20.71
CA ASP D 59 10.34 0.15 -20.95
C ASP D 59 11.83 0.32 -21.22
N GLY D 60 12.12 0.72 -22.46
CA GLY D 60 13.48 0.84 -22.97
C GLY D 60 14.20 -0.45 -22.65
N ARG D 61 15.21 -0.34 -21.80
CA ARG D 61 16.10 -1.46 -21.54
C ARG D 61 15.67 -2.33 -20.35
N PHE D 62 14.60 -1.91 -19.67
CA PHE D 62 14.09 -2.67 -18.53
C PHE D 62 12.96 -3.56 -18.94
N THR D 63 13.01 -4.79 -18.46
CA THR D 63 11.84 -5.65 -18.47
C THR D 63 11.49 -6.03 -17.02
N ALA D 64 10.28 -5.71 -16.60
CA ALA D 64 9.77 -6.18 -15.32
C ALA D 64 9.02 -7.48 -15.52
N GLN D 65 9.31 -8.45 -14.66
CA GLN D 65 8.70 -9.76 -14.78
C GLN D 65 8.03 -10.15 -13.48
N LEU D 66 6.88 -10.81 -13.63
CA LEU D 66 6.19 -11.41 -12.50
C LEU D 66 5.63 -12.80 -12.80
N ASN D 67 6.00 -13.76 -11.97
CA ASN D 67 5.40 -15.09 -12.04
C ASN D 67 4.72 -15.43 -10.72
N LYS D 68 3.39 -15.31 -10.71
CA LYS D 68 2.58 -15.55 -9.49
C LYS D 68 2.56 -17.02 -9.07
N ALA D 69 2.89 -17.93 -9.98
CA ALA D 69 2.99 -19.36 -9.68
C ALA D 69 4.24 -19.68 -8.86
N SER D 70 5.42 -19.34 -9.38
CA SER D 70 6.70 -19.63 -8.72
C SER D 70 6.90 -18.71 -7.52
N GLN D 71 6.16 -17.60 -7.55
CA GLN D 71 6.37 -16.46 -6.66
C GLN D 71 7.70 -15.78 -6.93
N TYR D 72 7.93 -15.49 -8.20
CA TYR D 72 9.11 -14.78 -8.65
C TYR D 72 8.76 -13.39 -9.19
N VAL D 73 9.50 -12.38 -8.71
CA VAL D 73 9.47 -11.06 -9.32
C VAL D 73 10.90 -10.74 -9.70
N SER D 74 11.09 -10.25 -10.92
CA SER D 74 12.43 -9.99 -11.43
C SER D 74 12.53 -8.78 -12.36
N LEU D 75 13.75 -8.30 -12.53
CA LEU D 75 14.00 -7.18 -13.42
C LEU D 75 15.14 -7.56 -14.32
N LEU D 76 15.01 -7.23 -15.61
CA LEU D 76 16.08 -7.50 -16.56
C LEU D 76 16.62 -6.20 -17.12
N ILE D 77 17.94 -6.04 -17.09
CA ILE D 77 18.56 -4.85 -17.69
C ILE D 77 19.44 -5.22 -18.89
N ARG D 78 19.00 -4.80 -20.08
CA ARG D 78 19.72 -5.05 -21.32
C ARG D 78 20.80 -4.03 -21.52
N ASP D 79 21.93 -4.51 -22.04
CA ASP D 79 23.03 -3.65 -22.47
C ASP D 79 23.58 -2.86 -21.28
N SER D 80 23.88 -3.58 -20.20
CA SER D 80 24.33 -2.96 -18.96
C SER D 80 25.35 -1.85 -19.18
N GLN D 81 25.07 -0.68 -18.61
CA GLN D 81 25.98 0.46 -18.66
C GLN D 81 26.65 0.70 -17.29
N PRO D 82 27.79 1.44 -17.25
CA PRO D 82 28.36 1.76 -15.94
C PRO D 82 27.35 2.48 -15.02
N SER D 83 26.61 3.44 -15.58
CA SER D 83 25.64 4.22 -14.85
C SER D 83 24.44 3.42 -14.32
N ASP D 84 24.42 2.11 -14.59
CA ASP D 84 23.36 1.24 -14.10
C ASP D 84 23.69 0.72 -12.74
N SER D 85 24.95 0.90 -12.34
CA SER D 85 25.42 0.47 -11.02
C SER D 85 24.63 1.17 -9.94
N ALA D 86 23.86 0.39 -9.17
CA ALA D 86 23.05 0.93 -8.09
C ALA D 86 22.40 -0.19 -7.34
N THR D 87 21.62 0.16 -6.33
CA THR D 87 20.85 -0.82 -5.61
C THR D 87 19.49 -0.85 -6.24
N TYR D 88 18.95 -2.06 -6.38
CA TYR D 88 17.64 -2.23 -7.00
C TYR D 88 16.68 -2.84 -5.99
N LEU D 89 15.58 -2.15 -5.76
CA LEU D 89 14.64 -2.56 -4.72
C LEU D 89 13.30 -2.76 -5.36
N TRP D 90 12.57 -3.73 -4.83
CA TRP D 90 11.22 -3.99 -5.25
C TRP D 90 10.35 -3.99 -4.06
N GLY D 91 9.12 -3.51 -4.23
CA GLY D 91 8.19 -3.47 -3.10
C GLY D 91 6.81 -3.94 -3.48
N THR D 92 6.13 -4.57 -2.51
CA THR D 92 4.73 -4.99 -2.72
C THR D 92 3.81 -4.50 -1.59
N TYR D 93 2.51 -4.44 -1.86
CA TYR D 93 1.50 -4.14 -0.82
C TYR D 93 1.01 -5.33 -0.04
N ASN D 94 0.82 -5.08 1.24
CA ASN D 94 0.20 -5.88 2.28
C ASN D 94 -1.31 -5.96 2.10
N GLN D 95 -1.96 -6.87 2.81
CA GLN D 95 -3.40 -6.81 3.02
C GLN D 95 -3.87 -5.55 3.79
N GLY D 96 -2.94 -4.79 4.38
CA GLY D 96 -3.32 -3.57 5.08
C GLY D 96 -2.83 -2.29 4.41
N GLY D 97 -2.23 -2.42 3.23
CA GLY D 97 -1.72 -1.26 2.52
C GLY D 97 -0.36 -0.79 2.98
N LYS D 98 0.33 -1.65 3.72
CA LYS D 98 1.75 -1.50 3.99
C LYS D 98 2.50 -1.77 2.69
N LEU D 99 3.56 -1.01 2.44
CA LEU D 99 4.50 -1.30 1.37
C LEU D 99 5.72 -1.95 2.02
N ILE D 100 6.05 -3.16 1.54
CA ILE D 100 7.16 -3.92 2.10
C ILE D 100 8.22 -4.16 1.02
N PHE D 101 9.44 -3.71 1.29
CA PHE D 101 10.53 -3.90 0.36
C PHE D 101 11.20 -5.24 0.60
N GLY D 102 11.51 -5.98 -0.47
CA GLY D 102 12.26 -7.21 -0.32
C GLY D 102 13.74 -6.89 -0.17
N GLN D 103 14.55 -7.96 -0.21
CA GLN D 103 16.01 -7.85 -0.29
C GLN D 103 16.39 -7.04 -1.52
N GLY D 104 17.12 -5.94 -1.29
CA GLY D 104 17.70 -5.14 -2.37
C GLY D 104 18.86 -5.87 -3.03
N THR D 105 19.19 -5.48 -4.24
CA THR D 105 20.31 -6.08 -4.97
C THR D 105 21.29 -4.99 -5.33
N GLU D 106 22.51 -5.13 -4.85
CA GLU D 106 23.56 -4.23 -5.28
C GLU D 106 24.09 -4.66 -6.66
N LEU D 107 24.01 -3.77 -7.64
CA LEU D 107 24.48 -4.09 -8.99
C LEU D 107 25.70 -3.28 -9.38
N SER D 108 26.82 -3.97 -9.56
CA SER D 108 27.98 -3.30 -10.10
C SER D 108 28.24 -3.81 -11.51
N VAL D 109 28.17 -2.90 -12.46
CA VAL D 109 28.48 -3.20 -13.85
C VAL D 109 29.97 -2.94 -14.02
N LYS D 110 30.72 -4.02 -14.21
CA LYS D 110 32.18 -3.93 -14.32
C LYS D 110 32.62 -3.75 -15.77
N PRO D 111 33.49 -2.77 -16.05
CA PRO D 111 34.05 -2.64 -17.39
C PRO D 111 35.37 -3.40 -17.43
N ASN D 112 35.71 -3.99 -18.58
CA ASN D 112 36.99 -4.70 -18.65
C ASN D 112 38.15 -3.70 -18.72
N ILE D 113 39.13 -3.97 -17.87
CA ILE D 113 40.34 -3.18 -17.79
C ILE D 113 41.29 -3.62 -18.90
N GLN D 114 41.48 -2.74 -19.87
CA GLN D 114 42.27 -3.04 -21.07
C GLN D 114 43.68 -3.49 -20.71
N ASN D 115 44.39 -2.66 -19.95
CA ASN D 115 45.76 -2.99 -19.58
C ASN D 115 46.04 -2.74 -18.09
N PRO D 116 45.63 -3.71 -17.23
CA PRO D 116 45.84 -3.53 -15.81
C PRO D 116 47.33 -3.39 -15.52
N ASP D 117 47.71 -2.31 -14.86
CA ASP D 117 49.08 -2.05 -14.54
C ASP D 117 49.22 -1.94 -13.02
N PRO D 118 48.84 -3.01 -12.29
CA PRO D 118 48.65 -2.90 -10.84
C PRO D 118 49.89 -2.40 -10.13
N ALA D 119 49.69 -1.43 -9.24
CA ALA D 119 50.79 -0.75 -8.56
C ALA D 119 50.36 -0.09 -7.26
N VAL D 120 51.34 0.08 -6.36
CA VAL D 120 51.15 0.77 -5.10
C VAL D 120 52.09 1.97 -5.06
N TYR D 121 51.48 3.15 -4.87
CA TYR D 121 52.19 4.41 -4.83
C TYR D 121 52.00 5.13 -3.51
N GLN D 122 53.02 5.92 -3.15
CA GLN D 122 52.92 6.81 -2.00
C GLN D 122 52.75 8.27 -2.48
N LEU D 123 51.76 8.96 -1.92
CA LEU D 123 51.49 10.35 -2.24
C LEU D 123 51.71 11.25 -1.03
N ARG D 124 52.45 12.33 -1.24
CA ARG D 124 52.81 13.25 -0.15
C ARG D 124 51.78 14.36 -0.06
N ASP D 125 51.38 14.73 1.15
CA ASP D 125 50.45 15.84 1.32
C ASP D 125 51.01 17.12 0.70
N SER D 126 50.13 17.92 0.11
CA SER D 126 50.50 19.19 -0.51
C SER D 126 51.00 20.26 0.47
N LYS D 127 50.43 20.40 1.65
CA LYS D 127 51.03 21.27 2.63
C LYS D 127 51.93 20.57 3.66
N SER D 128 51.32 19.84 4.60
CA SER D 128 52.08 19.14 5.66
C SER D 128 52.68 17.84 5.14
N SER D 129 53.84 17.96 4.49
CA SER D 129 54.37 16.91 3.61
C SER D 129 54.90 15.66 4.32
N ASP D 130 55.01 15.74 5.65
CA ASP D 130 55.24 14.53 6.45
C ASP D 130 54.04 13.52 6.43
N LYS D 131 52.83 14.00 6.14
CA LYS D 131 51.69 13.10 5.91
C LYS D 131 51.69 12.55 4.51
N SER D 132 51.18 11.33 4.38
CA SER D 132 51.03 10.72 3.05
C SER D 132 49.92 9.69 3.00
N VAL D 133 49.60 9.21 1.79
CA VAL D 133 48.67 8.09 1.65
C VAL D 133 49.30 7.05 0.74
N CYS D 134 48.75 5.84 0.78
CA CYS D 134 49.14 4.81 -0.17
C CYS D 134 48.00 4.58 -1.12
N LEU D 135 48.34 4.42 -2.40
CA LEU D 135 47.36 4.21 -3.46
C LEU D 135 47.59 2.90 -4.21
N PHE D 136 46.67 1.96 -4.05
CA PHE D 136 46.71 0.76 -4.86
C PHE D 136 45.83 1.07 -6.07
N THR D 137 46.44 1.10 -7.25
CA THR D 137 45.72 1.47 -8.47
C THR D 137 46.02 0.53 -9.64
N ASP D 138 45.13 0.56 -10.63
CA ASP D 138 45.30 -0.13 -11.91
C ASP D 138 45.24 -1.67 -11.85
N PHE D 139 44.59 -2.20 -10.82
CA PHE D 139 44.38 -3.64 -10.74
C PHE D 139 43.20 -4.08 -11.61
N ASP D 140 43.12 -5.37 -11.88
CA ASP D 140 42.00 -5.92 -12.62
C ASP D 140 40.73 -5.94 -11.76
N SER D 141 39.59 -6.11 -12.41
CA SER D 141 38.30 -6.29 -11.72
C SER D 141 38.29 -7.58 -10.91
N GLN D 142 39.25 -8.45 -11.17
CA GLN D 142 39.36 -9.73 -10.49
C GLN D 142 39.85 -9.64 -9.02
N THR D 143 40.67 -8.65 -8.71
CA THR D 143 41.28 -8.56 -7.37
C THR D 143 40.34 -7.95 -6.34
N ASN D 144 40.49 -8.39 -5.08
CA ASN D 144 39.65 -7.92 -3.97
C ASN D 144 40.47 -7.24 -2.89
N VAL D 145 40.03 -6.04 -2.51
CA VAL D 145 40.71 -5.29 -1.46
C VAL D 145 40.10 -5.60 -0.10
N SER D 146 40.88 -6.24 0.76
CA SER D 146 40.43 -6.59 2.11
C SER D 146 40.77 -5.47 3.08
N GLN D 147 39.93 -5.34 4.11
CA GLN D 147 40.18 -4.45 5.23
C GLN D 147 41.44 -4.88 5.98
N SER D 148 42.06 -3.97 6.71
CA SER D 148 43.37 -4.25 7.33
C SER D 148 43.28 -5.08 8.59
N LYS D 149 44.30 -5.92 8.80
CA LYS D 149 44.55 -6.62 10.06
C LYS D 149 44.63 -5.62 11.24
N ASP D 150 45.49 -4.61 11.06
CA ASP D 150 45.74 -3.53 12.01
C ASP D 150 44.53 -2.57 12.08
N SER D 151 44.18 -2.16 13.30
CA SER D 151 43.03 -1.29 13.54
C SER D 151 43.39 0.18 13.33
N ASP D 152 44.69 0.48 13.40
CA ASP D 152 45.19 1.84 13.25
C ASP D 152 45.54 2.22 11.80
N VAL D 153 45.22 1.34 10.87
CA VAL D 153 45.40 1.61 9.46
C VAL D 153 44.07 1.49 8.76
N TYR D 154 43.76 2.51 7.98
CA TYR D 154 42.53 2.57 7.24
C TYR D 154 42.75 2.20 5.80
N ILE D 155 41.88 1.32 5.31
CA ILE D 155 41.87 0.99 3.89
C ILE D 155 40.45 1.19 3.34
N THR D 156 40.34 1.91 2.23
CA THR D 156 39.05 2.15 1.57
C THR D 156 38.78 1.01 0.61
N ASP D 157 37.48 0.77 0.37
CA ASP D 157 37.00 -0.16 -0.65
C ASP D 157 37.52 0.25 -2.03
N LYS D 158 37.39 -0.62 -3.02
CA LYS D 158 37.78 -0.25 -4.39
C LYS D 158 36.78 0.70 -5.07
N CYS D 159 37.24 1.37 -6.11
CA CYS D 159 36.50 2.46 -6.72
C CYS D 159 37.01 2.63 -8.17
N VAL D 160 36.10 2.83 -9.12
CA VAL D 160 36.49 3.01 -10.52
C VAL D 160 36.33 4.47 -10.99
N LEU D 161 37.37 5.01 -11.64
CA LEU D 161 37.29 6.33 -12.25
C LEU D 161 37.29 6.25 -13.77
N ASP D 162 36.68 7.25 -14.42
CA ASP D 162 36.52 7.24 -15.87
C ASP D 162 37.10 8.49 -16.52
N MET D 163 38.32 8.36 -17.02
CA MET D 163 38.94 9.41 -17.84
C MET D 163 38.29 9.42 -19.21
N ARG D 164 37.10 10.03 -19.29
CA ARG D 164 36.17 9.97 -20.44
C ARG D 164 36.85 10.14 -21.79
N SER D 165 37.60 11.25 -21.92
CA SER D 165 38.18 11.66 -23.19
C SER D 165 39.38 10.81 -23.62
N MET D 166 39.92 10.01 -22.71
CA MET D 166 41.06 9.15 -23.05
C MET D 166 40.69 7.67 -23.26
N ASP D 167 39.39 7.37 -23.23
CA ASP D 167 38.88 5.99 -23.27
C ASP D 167 39.61 5.09 -22.25
N PHE D 168 39.73 5.60 -21.03
CA PHE D 168 40.49 4.93 -20.00
C PHE D 168 39.71 4.91 -18.69
N LYS D 169 39.62 3.73 -18.11
CA LYS D 169 39.02 3.54 -16.79
C LYS D 169 40.05 2.88 -15.87
N SER D 170 39.98 3.17 -14.58
CA SER D 170 40.90 2.49 -13.65
C SER D 170 40.34 2.31 -12.26
N ASN D 171 40.78 1.22 -11.63
CA ASN D 171 40.46 0.90 -10.24
C ASN D 171 41.48 1.47 -9.25
N SER D 172 41.01 1.80 -8.04
CA SER D 172 41.91 2.28 -7.01
C SER D 172 41.34 2.11 -5.61
N ALA D 173 42.22 1.84 -4.66
CA ALA D 173 41.88 1.90 -3.23
C ALA D 173 42.96 2.69 -2.50
N VAL D 174 42.60 3.32 -1.38
CA VAL D 174 43.54 4.15 -0.62
C VAL D 174 43.78 3.56 0.76
N ALA D 175 45.02 3.62 1.22
CA ALA D 175 45.33 3.28 2.62
C ALA D 175 46.15 4.38 3.28
N TRP D 176 45.86 4.68 4.53
CA TRP D 176 46.68 5.62 5.30
C TRP D 176 46.73 5.24 6.77
N SER D 177 47.68 5.82 7.49
CA SER D 177 47.82 5.55 8.92
C SER D 177 48.70 6.60 9.60
N ASN D 178 48.39 6.88 10.88
CA ASN D 178 49.16 7.82 11.73
C ASN D 178 50.32 7.17 12.45
N LYS D 179 50.41 5.85 12.35
CA LYS D 179 51.53 5.12 12.93
C LYS D 179 52.84 5.52 12.25
N SER D 180 53.87 5.78 13.06
CA SER D 180 55.20 6.12 12.55
C SER D 180 55.84 5.04 11.64
N ASP D 181 55.71 3.77 12.02
CA ASP D 181 56.40 2.69 11.34
C ASP D 181 55.64 2.13 10.14
N PHE D 182 54.50 2.73 9.81
CA PHE D 182 53.63 2.31 8.69
C PHE D 182 54.26 2.65 7.35
N ALA D 183 54.18 1.70 6.43
CA ALA D 183 54.81 1.83 5.13
C ALA D 183 53.84 1.41 4.06
N CYS D 184 53.93 2.04 2.90
CA CYS D 184 53.10 1.64 1.77
C CYS D 184 53.37 0.18 1.37
N ALA D 185 54.65 -0.19 1.42
CA ALA D 185 55.11 -1.52 1.01
C ALA D 185 54.31 -2.68 1.66
N ASN D 186 53.75 -2.43 2.84
CA ASN D 186 53.08 -3.47 3.56
C ASN D 186 51.64 -3.11 3.87
N ALA D 187 51.23 -1.93 3.45
CA ALA D 187 49.86 -1.44 3.64
C ALA D 187 48.77 -2.40 3.18
N PHE D 188 49.02 -3.12 2.09
CA PHE D 188 48.04 -4.05 1.52
C PHE D 188 48.40 -5.52 1.75
N ASN D 189 49.26 -5.77 2.74
CA ASN D 189 49.71 -7.13 3.08
C ASN D 189 48.57 -8.12 3.21
N ASN D 190 47.52 -7.70 3.91
CA ASN D 190 46.36 -8.53 4.15
C ASN D 190 45.41 -8.71 2.95
N SER D 191 45.79 -8.16 1.79
CA SER D 191 45.01 -8.34 0.59
C SER D 191 45.71 -9.35 -0.32
N ILE D 192 44.91 -10.05 -1.13
CA ILE D 192 45.42 -10.95 -2.15
C ILE D 192 45.67 -10.13 -3.44
N ILE D 193 46.91 -9.71 -3.63
CA ILE D 193 47.25 -8.81 -4.73
C ILE D 193 48.18 -9.48 -5.75
N PRO D 194 48.06 -9.13 -7.05
CA PRO D 194 48.87 -9.76 -8.10
C PRO D 194 50.38 -9.84 -7.80
N GLU D 195 50.97 -10.99 -8.10
CA GLU D 195 52.40 -11.26 -7.91
C GLU D 195 53.23 -10.19 -8.56
N ASP D 196 52.62 -9.52 -9.54
CA ASP D 196 53.28 -8.64 -10.47
C ASP D 196 53.17 -7.15 -10.07
N THR D 197 52.45 -6.87 -8.98
CA THR D 197 52.22 -5.50 -8.50
C THR D 197 53.51 -4.68 -8.40
N PHE D 198 53.54 -3.54 -9.07
CA PHE D 198 54.71 -2.67 -9.05
C PHE D 198 54.83 -1.91 -7.73
N PHE D 199 55.94 -2.16 -7.02
CA PHE D 199 56.26 -1.47 -5.77
C PHE D 199 57.58 -0.69 -5.96
N PRO D 200 57.49 0.65 -6.18
CA PRO D 200 58.72 1.43 -6.31
C PRO D 200 59.16 1.97 -4.95
N SER D 201 60.45 2.28 -4.80
CA SER D 201 60.89 3.04 -3.62
C SER D 201 59.96 4.24 -3.56
N PRO D 202 59.49 4.60 -2.35
CA PRO D 202 58.46 5.61 -2.12
C PRO D 202 58.58 6.89 -2.97
N GLU D 203 59.78 7.47 -3.03
CA GLU D 203 60.07 8.57 -3.94
C GLU D 203 61.45 8.36 -4.55
N SER D 204 61.62 8.58 -5.86
CA SER D 204 60.59 9.02 -6.81
C SER D 204 61.13 8.70 -8.22
N SER D 205 60.31 8.84 -9.25
CA SER D 205 60.77 8.74 -10.66
C SER D 205 61.14 7.32 -11.11
N GLU E 2 10.38 16.60 -11.81
CA GLU E 2 9.90 17.19 -10.53
C GLU E 2 8.63 16.47 -10.05
N ALA E 3 7.64 17.23 -9.56
CA ALA E 3 6.40 16.73 -8.92
C ALA E 3 6.66 15.66 -7.85
N GLN E 4 7.24 16.07 -6.73
CA GLN E 4 7.66 15.16 -5.66
C GLN E 4 7.31 15.73 -4.28
N VAL E 5 7.67 14.98 -3.24
CA VAL E 5 7.41 15.42 -1.89
C VAL E 5 8.53 16.32 -1.41
N THR E 6 8.23 17.09 -0.38
CA THR E 6 9.14 18.02 0.22
C THR E 6 9.35 17.62 1.66
N GLN E 7 10.59 17.27 1.99
CA GLN E 7 11.00 16.93 3.35
C GLN E 7 11.79 18.08 3.98
N ASN E 8 11.46 18.41 5.22
CA ASN E 8 12.16 19.45 5.92
C ASN E 8 12.53 19.02 7.35
N PRO E 9 13.83 19.09 7.71
CA PRO E 9 15.03 19.48 6.93
C PRO E 9 15.63 18.40 6.06
N ARG E 10 16.68 18.77 5.33
CA ARG E 10 17.50 17.86 4.57
C ARG E 10 18.55 17.13 5.46
N TYR E 11 19.11 17.84 6.46
CA TYR E 11 20.09 17.27 7.42
C TYR E 11 19.77 17.74 8.84
N LEU E 12 20.08 16.92 9.84
CA LEU E 12 19.75 17.27 11.22
C LEU E 12 20.56 16.50 12.26
N ILE E 13 21.17 17.24 13.17
CA ILE E 13 21.84 16.67 14.33
C ILE E 13 21.07 17.15 15.51
N THR E 14 20.84 16.27 16.47
CA THR E 14 20.13 16.62 17.67
C THR E 14 20.64 15.73 18.80
N VAL E 15 20.49 16.18 20.03
CA VAL E 15 20.87 15.36 21.19
C VAL E 15 19.74 14.41 21.59
N THR E 16 20.14 13.26 22.13
CA THR E 16 19.22 12.33 22.73
C THR E 16 18.20 13.06 23.59
N GLY E 17 16.94 12.70 23.41
CA GLY E 17 15.85 13.23 24.22
C GLY E 17 15.13 14.49 23.76
N LYS E 18 15.78 15.33 22.94
CA LYS E 18 15.11 16.55 22.48
C LYS E 18 14.09 16.30 21.36
N LYS E 19 12.81 16.41 21.71
CA LYS E 19 11.70 16.25 20.76
C LYS E 19 11.98 16.92 19.41
N LEU E 20 11.70 16.22 18.33
CA LEU E 20 11.85 16.82 17.01
C LEU E 20 10.81 16.26 16.07
N THR E 21 10.59 17.01 14.99
CA THR E 21 9.59 16.65 14.02
C THR E 21 10.09 17.02 12.62
N VAL E 22 9.94 16.08 11.68
CA VAL E 22 10.31 16.25 10.28
C VAL E 22 9.04 16.39 9.44
N THR E 23 8.97 17.44 8.64
CA THR E 23 7.77 17.67 7.85
C THR E 23 7.86 16.97 6.50
N CYS E 24 6.69 16.59 5.98
CA CYS E 24 6.57 16.07 4.63
C CYS E 24 5.31 16.64 4.00
N SER E 25 5.49 17.33 2.88
CA SER E 25 4.37 17.94 2.21
C SER E 25 4.43 17.60 0.76
N GLN E 26 3.28 17.75 0.11
CA GLN E 26 3.08 17.27 -1.22
C GLN E 26 1.87 18.01 -1.75
N ASN E 27 2.03 18.70 -2.86
CA ASN E 27 0.91 19.43 -3.46
C ASN E 27 0.30 18.70 -4.67
N MET E 28 0.34 17.37 -4.65
CA MET E 28 -0.17 16.58 -5.77
C MET E 28 -1.54 15.97 -5.47
N ASN E 29 -2.06 16.27 -4.29
CA ASN E 29 -3.35 15.75 -3.90
C ASN E 29 -3.37 14.22 -3.73
N HIS E 30 -2.23 13.63 -3.38
CA HIS E 30 -2.15 12.21 -3.09
C HIS E 30 -2.81 11.83 -1.81
N GLU E 31 -3.67 10.80 -1.87
CA GLU E 31 -4.27 10.23 -0.65
C GLU E 31 -3.25 9.54 0.28
N TYR E 32 -2.27 8.81 -0.30
CA TYR E 32 -1.36 7.98 0.44
C TYR E 32 -0.04 8.65 0.68
N MET E 33 0.32 8.72 1.96
CA MET E 33 1.65 9.21 2.36
C MET E 33 2.28 8.26 3.36
N SER E 34 3.60 8.17 3.36
CA SER E 34 4.31 7.32 4.32
C SER E 34 5.72 7.79 4.60
N TRP E 35 6.28 7.31 5.72
CA TRP E 35 7.68 7.49 6.08
C TRP E 35 8.42 6.18 6.16
N TYR E 36 9.68 6.19 5.70
CA TYR E 36 10.57 5.04 5.71
C TYR E 36 11.90 5.47 6.29
N ARG E 37 12.56 4.52 6.94
CA ARG E 37 13.99 4.66 7.20
C ARG E 37 14.77 3.66 6.40
N GLN E 38 16.07 3.90 6.26
CA GLN E 38 16.95 2.99 5.56
C GLN E 38 18.26 2.88 6.33
N ASP E 39 18.62 1.62 6.59
CA ASP E 39 19.77 1.31 7.40
C ASP E 39 20.57 0.20 6.75
N PRO E 40 21.91 0.39 6.74
CA PRO E 40 22.83 -0.69 6.33
C PRO E 40 22.41 -2.04 6.93
N GLY E 41 22.28 -3.03 6.08
CA GLY E 41 22.01 -4.42 6.50
C GLY E 41 20.56 -4.68 6.75
N LEU E 42 19.79 -3.61 7.02
CA LEU E 42 18.39 -3.77 7.38
C LEU E 42 17.38 -3.42 6.30
N GLY E 43 17.83 -2.83 5.19
CA GLY E 43 16.92 -2.51 4.08
C GLY E 43 16.10 -1.26 4.30
N LEU E 44 15.18 -0.99 3.38
CA LEU E 44 14.30 0.15 3.47
C LEU E 44 13.03 -0.30 4.15
N ARG E 45 12.70 0.29 5.29
CA ARG E 45 11.54 -0.15 6.04
C ARG E 45 10.54 0.98 6.31
N GLN E 46 9.27 0.62 6.25
CA GLN E 46 8.19 1.57 6.52
C GLN E 46 7.98 1.76 8.03
N ILE E 47 7.84 3.03 8.42
CA ILE E 47 7.66 3.44 9.82
C ILE E 47 6.16 3.56 10.11
N TYR E 48 5.53 4.47 9.37
CA TYR E 48 4.13 4.75 9.47
C TYR E 48 3.65 5.09 8.08
N TYR E 49 2.38 4.77 7.82
CA TYR E 49 1.77 5.18 6.56
C TYR E 49 0.31 5.63 6.76
N SER E 50 -0.17 6.46 5.85
CA SER E 50 -1.51 7.06 5.95
C SER E 50 -2.23 6.98 4.61
N MET E 51 -3.24 6.13 4.54
CA MET E 51 -3.92 5.89 3.25
C MET E 51 -4.85 7.03 2.85
N ASN E 52 -5.32 7.81 3.82
CA ASN E 52 -6.10 9.00 3.52
C ASN E 52 -6.07 9.98 4.69
N VAL E 53 -6.77 11.11 4.55
CA VAL E 53 -6.93 12.08 5.64
C VAL E 53 -7.44 11.40 6.92
N GLU E 54 -6.78 11.66 8.05
CA GLU E 54 -7.19 11.09 9.35
C GLU E 54 -7.19 9.56 9.42
N VAL E 55 -6.45 8.91 8.52
CA VAL E 55 -6.25 7.45 8.59
C VAL E 55 -4.77 7.16 8.67
N THR E 56 -4.37 6.34 9.64
CA THR E 56 -3.01 6.31 10.09
C THR E 56 -2.69 4.93 10.62
N ASP E 57 -1.60 4.34 10.14
CA ASP E 57 -1.27 2.96 10.52
C ASP E 57 0.22 2.76 10.63
N LYS E 58 0.61 1.83 11.50
CA LYS E 58 2.04 1.63 11.72
C LYS E 58 2.71 0.73 10.71
N GLY E 59 3.95 1.04 10.39
CA GLY E 59 4.73 0.22 9.47
C GLY E 59 5.41 -0.89 10.22
N ASP E 60 6.57 -1.33 9.74
CA ASP E 60 7.33 -2.40 10.42
C ASP E 60 8.20 -1.89 11.55
N VAL E 61 8.57 -0.60 11.52
CA VAL E 61 9.36 0.01 12.57
C VAL E 61 8.72 1.27 13.16
N PRO E 62 7.56 1.13 13.82
CA PRO E 62 6.87 2.33 14.31
C PRO E 62 7.41 2.93 15.59
N GLU E 63 8.06 2.11 16.43
CA GLU E 63 8.33 2.49 17.84
C GLU E 63 9.24 3.69 17.92
N GLY E 64 8.87 4.67 18.74
CA GLY E 64 9.65 5.89 18.92
C GLY E 64 9.19 6.99 18.00
N TYR E 65 8.20 6.66 17.18
CA TYR E 65 7.68 7.60 16.23
C TYR E 65 6.20 7.79 16.40
N LYS E 66 5.75 8.97 16.03
CA LYS E 66 4.34 9.28 15.87
C LYS E 66 4.10 10.03 14.55
N VAL E 67 2.88 9.98 14.05
CA VAL E 67 2.50 10.76 12.87
C VAL E 67 1.18 11.44 13.10
N SER E 68 0.77 12.30 12.19
CA SER E 68 -0.65 12.71 12.13
C SER E 68 -1.02 13.04 10.69
N ARG E 69 -2.33 13.01 10.38
CA ARG E 69 -2.80 13.36 9.04
C ARG E 69 -4.07 14.21 9.10
N LYS E 70 -3.92 15.45 9.55
CA LYS E 70 -5.07 16.37 9.67
C LYS E 70 -5.50 16.89 8.31
N GLU E 71 -4.57 17.10 7.39
CA GLU E 71 -4.89 17.46 6.01
C GLU E 71 -4.12 16.59 5.01
N LYS E 72 -4.62 16.58 3.78
CA LYS E 72 -4.09 15.76 2.70
C LYS E 72 -2.64 16.04 2.35
N ARG E 73 -2.28 17.32 2.35
CA ARG E 73 -1.00 17.80 1.86
C ARG E 73 0.15 17.47 2.82
N ASN E 74 -0.16 17.24 4.10
CA ASN E 74 0.88 17.03 5.12
C ASN E 74 0.93 15.66 5.80
N PHE E 75 2.15 15.22 6.10
CA PHE E 75 2.38 14.01 6.91
C PHE E 75 3.62 14.14 7.81
N PRO E 76 3.46 14.75 8.98
CA PRO E 76 4.69 14.96 9.76
C PRO E 76 5.16 13.68 10.48
N LEU E 77 6.49 13.52 10.61
CA LEU E 77 7.09 12.46 11.42
C LEU E 77 7.60 13.02 12.76
N ILE E 78 7.01 12.54 13.85
CA ILE E 78 7.27 13.09 15.17
C ILE E 78 8.08 12.15 16.05
N LEU E 79 9.22 12.63 16.53
CA LEU E 79 10.06 11.89 17.48
C LEU E 79 10.03 12.57 18.85
N GLU E 80 9.23 12.00 19.76
CA GLU E 80 9.02 12.54 21.10
C GLU E 80 10.31 12.64 21.87
N SER E 81 11.05 11.54 21.83
CA SER E 81 12.26 11.40 22.60
C SER E 81 13.29 10.71 21.71
N PRO E 82 13.94 11.46 20.78
CA PRO E 82 14.88 10.82 19.87
C PRO E 82 15.94 9.98 20.62
N SER E 83 16.19 8.77 20.12
CA SER E 83 17.16 7.88 20.71
C SER E 83 18.27 7.62 19.67
N PRO E 84 19.49 7.28 20.12
CA PRO E 84 20.60 7.01 19.20
C PRO E 84 20.24 6.02 18.09
N ASN E 85 19.36 5.08 18.37
CA ASN E 85 18.94 4.12 17.35
C ASN E 85 18.06 4.73 16.25
N GLN E 86 17.64 5.99 16.42
CA GLN E 86 16.91 6.68 15.37
C GLN E 86 17.83 7.50 14.47
N THR E 87 19.15 7.38 14.69
CA THR E 87 20.09 7.89 13.73
C THR E 87 19.90 7.11 12.45
N SER E 88 19.47 7.78 11.39
CA SER E 88 19.20 7.07 10.14
C SER E 88 18.92 8.02 8.97
N LEU E 89 18.67 7.42 7.82
CA LEU E 89 18.29 8.13 6.62
C LEU E 89 16.78 7.91 6.38
N TYR E 90 16.02 8.99 6.45
CA TYR E 90 14.58 8.97 6.33
C TYR E 90 14.06 9.47 4.98
N PHE E 91 13.11 8.73 4.40
CA PHE E 91 12.41 9.15 3.17
C PHE E 91 10.93 9.23 3.37
N CYS E 92 10.33 10.26 2.81
CA CYS E 92 8.89 10.36 2.75
C CYS E 92 8.42 9.92 1.36
N ALA E 93 7.18 9.48 1.23
CA ALA E 93 6.71 9.04 -0.09
C ALA E 93 5.23 9.27 -0.20
N SER E 94 4.75 9.50 -1.43
CA SER E 94 3.31 9.66 -1.66
C SER E 94 2.84 8.94 -2.90
N SER E 95 1.54 8.61 -2.97
CA SER E 95 0.99 7.95 -4.15
C SER E 95 -0.47 8.31 -4.37
N GLY E 96 -0.86 8.31 -5.64
CA GLY E 96 -2.25 8.46 -6.03
C GLY E 96 -2.79 7.15 -6.60
N ALA E 97 -3.65 7.26 -7.61
CA ALA E 97 -4.47 6.15 -8.07
C ALA E 97 -3.69 4.99 -8.66
N SER E 98 -2.50 5.26 -9.17
CA SER E 98 -1.66 4.19 -9.74
C SER E 98 -1.04 3.39 -8.65
N HIS E 99 -1.07 3.92 -7.42
CA HIS E 99 -0.52 3.24 -6.24
C HIS E 99 0.99 3.16 -6.27
N GLU E 100 1.62 3.82 -7.23
CA GLU E 100 3.08 3.93 -7.24
C GLU E 100 3.54 5.03 -6.28
N GLN E 101 4.45 4.68 -5.39
CA GLN E 101 4.96 5.67 -4.44
C GLN E 101 6.18 6.38 -4.96
N TYR E 102 6.15 7.71 -4.91
CA TYR E 102 7.32 8.52 -5.33
C TYR E 102 7.98 9.11 -4.10
N PHE E 103 9.30 8.99 -4.06
CA PHE E 103 10.08 9.25 -2.87
C PHE E 103 10.69 10.64 -2.83
N GLY E 104 10.63 11.27 -1.64
CA GLY E 104 11.30 12.57 -1.37
C GLY E 104 12.81 12.46 -1.43
N PRO E 105 13.53 13.58 -1.22
CA PRO E 105 14.99 13.53 -1.43
C PRO E 105 15.76 12.90 -0.25
N GLY E 106 15.17 12.86 0.95
CA GLY E 106 15.81 12.22 2.10
C GLY E 106 16.20 13.18 3.21
N THR E 107 16.01 12.73 4.44
CA THR E 107 16.47 13.46 5.59
C THR E 107 17.48 12.60 6.31
N ARG E 108 18.73 13.08 6.39
CA ARG E 108 19.77 12.45 7.21
C ARG E 108 19.69 13.03 8.63
N LEU E 109 19.34 12.16 9.56
CA LEU E 109 19.23 12.49 10.97
C LEU E 109 20.28 11.79 11.83
N THR E 110 21.06 12.56 12.59
CA THR E 110 21.98 11.97 13.55
C THR E 110 21.56 12.33 14.96
N VAL E 111 21.33 11.30 15.78
CA VAL E 111 21.07 11.49 17.20
C VAL E 111 22.34 11.19 18.00
N THR E 112 22.87 12.24 18.62
CA THR E 112 24.14 12.22 19.33
C THR E 112 23.96 12.42 20.84
N GLU E 113 24.80 11.77 21.63
CA GLU E 113 24.78 11.89 23.11
C GLU E 113 25.10 13.31 23.61
N ASP E 114 25.70 14.13 22.75
CA ASP E 114 26.29 15.43 23.09
C ASP E 114 26.65 16.19 21.82
N LEU E 115 26.35 17.49 21.79
CA LEU E 115 26.78 18.30 20.67
C LEU E 115 28.30 18.52 20.63
N LYS E 116 28.98 18.36 21.77
CA LYS E 116 30.45 18.44 21.84
C LYS E 116 31.15 17.41 20.92
N ASN E 117 30.42 16.36 20.52
CA ASN E 117 30.89 15.34 19.56
C ASN E 117 30.89 15.77 18.08
N VAL E 118 30.36 16.95 17.78
CA VAL E 118 30.26 17.38 16.40
C VAL E 118 31.54 18.09 15.96
N PHE E 119 32.14 17.61 14.88
CA PHE E 119 33.36 18.22 14.34
C PHE E 119 33.25 18.44 12.84
N PRO E 120 33.81 19.56 12.35
CA PRO E 120 33.92 19.71 10.90
C PRO E 120 35.05 18.83 10.37
N PRO E 121 35.06 18.59 9.05
CA PRO E 121 36.12 17.79 8.48
C PRO E 121 37.42 18.56 8.34
N GLU E 122 38.55 17.87 8.41
CA GLU E 122 39.79 18.44 7.97
C GLU E 122 40.05 17.81 6.64
N VAL E 123 40.74 18.54 5.77
CA VAL E 123 40.81 18.20 4.37
C VAL E 123 42.23 18.38 3.93
N ALA E 124 42.73 17.41 3.16
CA ALA E 124 44.08 17.45 2.63
C ALA E 124 44.09 16.84 1.25
N VAL E 125 44.87 17.43 0.36
CA VAL E 125 45.08 16.86 -0.95
C VAL E 125 46.47 16.30 -1.02
N PHE E 126 46.61 15.12 -1.62
CA PHE E 126 47.91 14.48 -1.72
C PHE E 126 48.28 14.51 -3.18
N GLU E 127 49.50 14.93 -3.45
CA GLU E 127 49.95 15.16 -4.81
C GLU E 127 50.31 13.87 -5.51
N PRO E 128 50.11 13.82 -6.83
CA PRO E 128 50.45 12.62 -7.57
C PRO E 128 51.89 12.22 -7.32
N SER E 129 52.11 10.92 -7.38
CA SER E 129 53.38 10.32 -7.09
C SER E 129 54.21 10.37 -8.34
N GLU E 130 55.46 10.75 -8.17
CA GLU E 130 56.41 10.85 -9.27
C GLU E 130 56.57 9.49 -9.90
N ALA E 131 56.62 8.46 -9.04
CA ALA E 131 56.67 7.08 -9.51
C ALA E 131 55.56 6.81 -10.52
N GLU E 132 54.32 7.15 -10.16
CA GLU E 132 53.20 6.94 -11.08
C GLU E 132 53.35 7.66 -12.43
N ILE E 133 53.72 8.94 -12.43
CA ILE E 133 53.82 9.69 -13.70
C ILE E 133 54.85 9.01 -14.62
N SER E 134 55.99 8.65 -14.05
CA SER E 134 57.03 7.95 -14.78
C SER E 134 56.56 6.57 -15.29
N HIS E 135 55.68 5.91 -14.54
CA HIS E 135 55.23 4.56 -14.88
C HIS E 135 54.02 4.48 -15.79
N THR E 136 53.13 5.45 -15.72
CA THR E 136 51.85 5.36 -16.44
C THR E 136 51.54 6.59 -17.26
N GLN E 137 52.36 7.62 -17.10
CA GLN E 137 52.13 8.89 -17.78
C GLN E 137 50.77 9.47 -17.34
N LYS E 138 50.30 8.97 -16.19
CA LYS E 138 49.11 9.46 -15.55
C LYS E 138 49.44 9.96 -14.14
N ALA E 139 48.52 10.71 -13.55
CA ALA E 139 48.76 11.36 -12.27
C ALA E 139 47.46 11.47 -11.52
N THR E 140 47.41 10.84 -10.37
CA THR E 140 46.21 10.90 -9.58
C THR E 140 46.40 11.61 -8.26
N LEU E 141 45.55 12.60 -8.02
CA LEU E 141 45.45 13.27 -6.74
C LEU E 141 44.51 12.48 -5.81
N VAL E 142 44.81 12.49 -4.51
CA VAL E 142 43.91 11.89 -3.55
C VAL E 142 43.46 12.98 -2.59
N CYS E 143 42.17 13.04 -2.31
CA CYS E 143 41.66 13.88 -1.25
C CYS E 143 41.28 13.03 -0.06
N LEU E 144 41.56 13.52 1.13
CA LEU E 144 41.18 12.86 2.34
C LEU E 144 40.47 13.86 3.27
N ALA E 145 39.25 13.55 3.65
CA ALA E 145 38.54 14.34 4.63
C ALA E 145 38.48 13.48 5.89
N THR E 146 38.85 14.07 7.02
CA THR E 146 39.04 13.29 8.23
C THR E 146 38.49 14.02 9.43
N GLY E 147 38.18 13.24 10.47
CA GLY E 147 37.76 13.77 11.77
C GLY E 147 36.36 14.37 11.82
N PHE E 148 35.53 14.06 10.83
CA PHE E 148 34.21 14.69 10.78
C PHE E 148 33.13 13.86 11.46
N TYR E 149 32.26 14.55 12.21
CA TYR E 149 31.08 13.97 12.81
C TYR E 149 29.99 15.02 12.89
N PRO E 150 28.77 14.69 12.41
CA PRO E 150 28.37 13.39 11.86
C PRO E 150 28.83 13.22 10.42
N ASP E 151 28.58 12.05 9.82
CA ASP E 151 28.95 11.84 8.41
C ASP E 151 27.94 12.50 7.47
N HIS E 152 27.93 13.83 7.46
CA HIS E 152 26.98 14.62 6.67
C HIS E 152 27.79 15.47 5.72
N VAL E 153 28.43 14.84 4.74
CA VAL E 153 29.36 15.54 3.86
C VAL E 153 29.16 15.32 2.34
N GLU E 154 29.53 16.33 1.55
CA GLU E 154 29.56 16.23 0.10
C GLU E 154 30.93 16.68 -0.40
N LEU E 155 31.62 15.78 -1.08
CA LEU E 155 32.94 16.05 -1.60
C LEU E 155 32.88 16.37 -3.09
N SER E 156 33.69 17.34 -3.55
CA SER E 156 33.76 17.71 -4.95
C SER E 156 35.14 18.20 -5.35
N TRP E 157 35.48 18.02 -6.62
CA TRP E 157 36.77 18.41 -7.11
C TRP E 157 36.67 19.62 -8.02
N TRP E 158 37.50 20.62 -7.77
CA TRP E 158 37.54 21.79 -8.63
C TRP E 158 38.89 21.99 -9.25
N VAL E 159 38.89 22.14 -10.57
CA VAL E 159 40.10 22.46 -11.31
C VAL E 159 39.91 23.78 -12.01
N ASN E 160 40.90 24.66 -11.85
CA ASN E 160 40.92 25.96 -12.52
C ASN E 160 39.64 26.81 -12.34
N GLY E 161 38.98 26.68 -11.20
CA GLY E 161 37.79 27.46 -10.90
C GLY E 161 36.45 26.75 -11.11
N LYS E 162 36.44 25.67 -11.88
CA LYS E 162 35.20 24.93 -12.14
C LYS E 162 35.22 23.50 -11.60
N GLU E 163 34.05 22.96 -11.30
CA GLU E 163 33.93 21.58 -10.84
C GLU E 163 34.15 20.60 -12.01
N VAL E 164 34.89 19.53 -11.77
CA VAL E 164 35.12 18.50 -12.79
C VAL E 164 34.52 17.17 -12.35
N HIS E 165 34.38 16.24 -13.30
CA HIS E 165 33.75 14.95 -13.01
C HIS E 165 34.52 13.84 -13.66
N SER E 166 35.09 14.11 -14.82
CA SER E 166 35.96 13.13 -15.48
C SER E 166 37.16 12.79 -14.57
N GLY E 167 37.53 11.52 -14.52
CA GLY E 167 38.67 11.07 -13.71
C GLY E 167 38.44 11.08 -12.21
N VAL E 168 37.22 11.34 -11.77
CA VAL E 168 36.91 11.35 -10.35
C VAL E 168 36.28 10.02 -9.88
N CYS E 169 36.63 9.59 -8.68
CA CYS E 169 35.75 8.67 -7.94
C CYS E 169 35.93 8.77 -6.43
N THR E 170 34.82 8.75 -5.72
CA THR E 170 34.76 9.03 -4.31
C THR E 170 34.17 7.79 -3.65
N ASP E 171 34.57 7.53 -2.42
CA ASP E 171 34.02 6.42 -1.66
C ASP E 171 32.50 6.53 -1.57
N PRO E 172 31.78 5.41 -1.79
CA PRO E 172 30.35 5.44 -1.51
C PRO E 172 30.13 5.84 -0.06
N GLN E 173 30.81 5.16 0.86
CA GLN E 173 30.56 5.30 2.30
C GLN E 173 31.78 5.81 3.07
N PRO E 174 31.56 6.73 4.04
CA PRO E 174 32.58 7.10 5.03
C PRO E 174 33.11 5.90 5.81
N LEU E 175 34.33 5.99 6.35
CA LEU E 175 34.85 5.01 7.32
C LEU E 175 34.77 5.58 8.71
N LYS E 176 34.64 4.68 9.70
CA LYS E 176 34.72 5.08 11.07
C LYS E 176 36.18 5.05 11.47
N GLU E 177 36.67 6.17 12.02
CA GLU E 177 38.05 6.25 12.51
C GLU E 177 38.26 5.40 13.76
N GLN E 178 37.20 5.25 14.55
CA GLN E 178 37.26 4.52 15.82
C GLN E 178 36.11 3.54 15.91
N PRO E 179 36.20 2.40 15.21
CA PRO E 179 35.07 1.46 15.20
C PRO E 179 34.59 1.08 16.63
N ALA E 180 35.48 1.21 17.61
CA ALA E 180 35.13 1.00 19.01
C ALA E 180 34.19 2.09 19.52
N LEU E 181 34.69 3.33 19.57
CA LEU E 181 33.99 4.47 20.15
C LEU E 181 32.59 4.69 19.62
N ASN E 182 31.75 5.23 20.49
CA ASN E 182 30.31 5.29 20.28
C ASN E 182 29.92 6.28 19.19
N ASP E 183 30.38 7.52 19.35
CA ASP E 183 30.18 8.55 18.35
C ASP E 183 31.51 8.81 17.61
N SER E 184 32.09 7.71 17.12
CA SER E 184 33.32 7.73 16.35
C SER E 184 33.29 8.72 15.19
N ARG E 185 34.38 9.46 15.03
CA ARG E 185 34.52 10.40 13.92
C ARG E 185 34.81 9.65 12.61
N TYR E 186 34.58 10.32 11.49
CA TYR E 186 34.59 9.68 10.19
C TYR E 186 35.67 10.23 9.27
N ALA E 187 36.02 9.40 8.28
CA ALA E 187 36.92 9.82 7.23
C ALA E 187 36.35 9.41 5.87
N LEU E 188 36.60 10.24 4.86
CA LEU E 188 36.19 9.94 3.49
C LEU E 188 37.32 10.25 2.51
N SER E 189 37.40 9.41 1.48
CA SER E 189 38.44 9.54 0.47
C SER E 189 37.86 9.75 -0.94
N SER E 190 38.61 10.45 -1.78
CA SER E 190 38.28 10.58 -3.20
C SER E 190 39.53 10.74 -4.04
N ARG E 191 39.49 10.23 -5.25
CA ARG E 191 40.63 10.39 -6.17
C ARG E 191 40.25 11.14 -7.44
N LEU E 192 41.18 11.98 -7.92
CA LEU E 192 41.07 12.69 -9.20
C LEU E 192 42.28 12.34 -10.04
N ARG E 193 42.08 11.83 -11.24
CA ARG E 193 43.22 11.37 -12.04
C ARG E 193 43.30 12.13 -13.34
N VAL E 194 44.43 12.78 -13.56
CA VAL E 194 44.69 13.50 -14.80
C VAL E 194 45.88 12.88 -15.53
N SER E 195 46.20 13.38 -16.71
CA SER E 195 47.44 12.98 -17.41
C SER E 195 48.66 13.57 -16.69
N ALA E 196 49.83 12.99 -16.94
CA ALA E 196 51.08 13.54 -16.41
C ALA E 196 51.27 15.00 -16.84
N THR E 197 51.10 15.26 -18.13
CA THR E 197 51.29 16.57 -18.73
C THR E 197 50.40 17.62 -18.07
N PHE E 198 49.14 17.25 -17.83
CA PHE E 198 48.22 18.17 -17.17
C PHE E 198 48.68 18.51 -15.77
N TRP E 199 49.12 17.50 -15.01
CA TRP E 199 49.60 17.70 -13.64
C TRP E 199 50.91 18.48 -13.60
N GLN E 200 51.73 18.31 -14.63
CA GLN E 200 53.05 18.95 -14.68
C GLN E 200 53.02 20.42 -15.05
N ASN E 201 51.82 20.95 -15.28
CA ASN E 201 51.62 22.33 -15.66
C ASN E 201 51.38 23.23 -14.43
N PRO E 202 52.34 24.12 -14.13
CA PRO E 202 52.17 24.86 -12.86
C PRO E 202 51.08 25.96 -12.97
N ARG E 203 50.40 26.00 -14.11
CA ARG E 203 49.28 26.93 -14.29
C ARG E 203 47.96 26.31 -13.76
N ASN E 204 47.94 24.97 -13.64
CA ASN E 204 46.76 24.26 -13.17
C ASN E 204 46.63 24.24 -11.63
N HIS E 205 45.43 24.55 -11.16
CA HIS E 205 45.15 24.66 -9.73
C HIS E 205 44.03 23.70 -9.31
N PHE E 206 44.33 22.85 -8.33
CA PHE E 206 43.42 21.77 -7.91
C PHE E 206 42.90 22.03 -6.51
N ARG E 207 41.60 21.90 -6.33
CA ARG E 207 41.01 22.03 -5.03
C ARG E 207 40.05 20.86 -4.78
N CYS E 208 40.11 20.34 -3.57
CA CYS E 208 39.18 19.35 -3.10
C CYS E 208 38.26 20.05 -2.10
N GLN E 209 36.97 20.07 -2.39
CA GLN E 209 36.00 20.80 -1.57
C GLN E 209 35.02 19.86 -0.85
N VAL E 210 34.78 20.12 0.44
CA VAL E 210 33.91 19.28 1.28
C VAL E 210 32.87 20.14 2.02
N GLN E 211 31.61 19.97 1.62
CA GLN E 211 30.49 20.62 2.28
C GLN E 211 30.16 19.76 3.48
N PHE E 212 30.08 20.41 4.63
CA PHE E 212 29.72 19.75 5.86
C PHE E 212 28.45 20.37 6.44
N TYR E 213 27.57 19.50 6.93
CA TYR E 213 26.30 19.93 7.53
C TYR E 213 26.40 19.71 9.02
N GLY E 214 26.40 20.79 9.77
CA GLY E 214 26.65 20.74 11.22
C GLY E 214 25.63 21.53 12.00
N LEU E 215 26.04 22.09 13.14
CA LEU E 215 25.11 22.79 14.03
C LEU E 215 24.60 24.08 13.43
N SER E 216 23.29 24.29 13.49
CA SER E 216 22.66 25.53 13.00
C SER E 216 22.98 26.73 13.90
N GLU E 217 22.45 27.90 13.53
CA GLU E 217 22.56 29.11 14.34
C GLU E 217 21.91 28.96 15.72
N ASN E 218 20.85 28.16 15.78
CA ASN E 218 20.01 28.06 16.98
C ASN E 218 20.59 27.21 18.11
N ASP E 219 21.64 26.45 17.81
CA ASP E 219 22.27 25.56 18.79
C ASP E 219 23.22 26.30 19.71
N GLU E 220 23.13 26.01 21.01
CA GLU E 220 23.98 26.62 22.01
C GLU E 220 25.40 26.07 21.94
N TRP E 221 26.36 26.98 21.88
CA TRP E 221 27.77 26.61 21.85
C TRP E 221 28.59 27.51 22.73
N THR E 222 29.20 26.94 23.76
CA THR E 222 30.12 27.67 24.63
C THR E 222 31.35 26.82 24.89
N GLN E 223 32.28 26.85 23.93
CA GLN E 223 33.47 25.99 23.96
C GLN E 223 34.61 26.75 23.33
N ASP E 224 35.83 26.31 23.63
CA ASP E 224 37.01 26.99 23.11
C ASP E 224 37.01 27.01 21.59
N ARG E 225 36.93 25.83 20.98
CA ARG E 225 36.96 25.70 19.53
C ARG E 225 35.74 26.31 18.84
N ALA E 226 35.91 26.67 17.58
CA ALA E 226 34.85 27.27 16.81
C ALA E 226 33.62 26.36 16.75
N LYS E 227 32.45 27.01 16.75
CA LYS E 227 31.18 26.33 16.59
C LYS E 227 31.21 25.48 15.32
N PRO E 228 30.96 24.17 15.45
CA PRO E 228 31.00 23.26 14.30
C PRO E 228 29.77 23.38 13.40
N VAL E 229 29.50 24.60 12.93
CA VAL E 229 28.40 24.90 12.02
C VAL E 229 28.55 24.25 10.66
N THR E 230 27.48 24.33 9.88
CA THR E 230 27.47 23.99 8.47
C THR E 230 28.41 24.93 7.76
N GLN E 231 29.30 24.35 6.95
CA GLN E 231 30.40 25.10 6.37
C GLN E 231 31.06 24.30 5.26
N ILE E 232 32.03 24.93 4.60
CA ILE E 232 32.87 24.29 3.59
C ILE E 232 34.35 24.30 4.04
N VAL E 233 35.03 23.18 3.85
CA VAL E 233 36.48 23.13 4.08
C VAL E 233 37.14 22.58 2.82
N SER E 234 38.29 23.14 2.44
CA SER E 234 38.95 22.81 1.19
C SER E 234 40.43 22.57 1.36
N ALA E 235 41.02 21.89 0.39
CA ALA E 235 42.46 21.76 0.28
C ALA E 235 42.88 21.89 -1.19
N GLU E 236 43.97 22.62 -1.42
CA GLU E 236 44.44 22.88 -2.76
C GLU E 236 45.87 22.37 -3.07
N ALA E 237 46.13 22.20 -4.36
CA ALA E 237 47.45 21.83 -4.85
C ALA E 237 47.63 22.56 -6.17
N TRP E 238 48.88 22.93 -6.46
CA TRP E 238 49.23 23.43 -7.78
C TRP E 238 50.00 22.40 -8.53
N GLY E 239 49.87 22.39 -9.85
CA GLY E 239 50.74 21.59 -10.72
C GLY E 239 52.19 21.97 -10.46
N ARG E 240 53.10 21.07 -10.83
CA ARG E 240 54.53 21.21 -10.58
C ARG E 240 55.28 20.65 -11.76
N ALA E 241 56.24 21.42 -12.28
CA ALA E 241 57.07 20.96 -13.40
C ALA E 241 58.04 19.88 -12.93
N ASP E 242 59.00 20.32 -12.11
CA ASP E 242 59.99 19.45 -11.44
C ASP E 242 60.47 18.26 -12.26
#